data_9AU0
#
_entry.id   9AU0
#
_cell.length_a   1.00
_cell.length_b   1.00
_cell.length_c   1.00
_cell.angle_alpha   90.00
_cell.angle_beta   90.00
_cell.angle_gamma   90.00
#
_symmetry.space_group_name_H-M   'P 1'
#
loop_
_entity.id
_entity.type
_entity.pdbx_description
1 polymer 'Guanine nucleotide-binding protein G(s) subunit alpha isoforms short'
2 polymer 'Guanine nucleotide-binding protein G(I)/G(S)/G(T) subunit beta-1'
3 polymer 'Guanine nucleotide-binding protein G(I)/G(S)/G(O) subunit gamma-2'
4 polymer Nanobody-35
5 polymer 'Prostaglandin D2 receptor'
6 non-polymer '7-{(4S)-3-[(3R)-3-cyclohexyl-3-hydroxypropyl]-2,5-dioxoimidazolidin-4-yl}heptanoic acid'
7 non-polymer 2-acetamido-2-deoxy-beta-D-glucopyranose
8 non-polymer 'CHOLESTEROL HEMISUCCINATE'
9 water water
#
loop_
_entity_poly.entity_id
_entity_poly.type
_entity_poly.pdbx_seq_one_letter_code
_entity_poly.pdbx_strand_id
1 'polypeptide(L)'
;MGCLGNSKTEDQRNEEKAQREANKKIEKQLQKDKQVYRATHRLLLLGAGESGKNTIVKQMRILHVNGFNGEGGEEDPQAA
RSNSDGEKATKVQDIKNNLKEAIETIVAAMSNLVPPVELANPENQFRVDYILSVMNVPDFDFPPEFYEHAKALWEDEGVR
ACYERSNEYQLIDCAQYFLDKIDVIKQADYVPSDQDLLRCRVLTSGIFETKFQVDKVNFHMFDVGAQRDERRKWIQCFND
VTAIIFVVASSSYNMVIREDNQTNRLQAALKLFDSIWNNKWLRDTSVILFLNKQDLLAEKVLAGKSKIEDYFPEFARYTT
PEDATPEPGEDPRVTRAKYFIRDEFLRISTASGDGRHYCYPHFTCAVDTENIRRVFNDCRDIIQRMHLRQYELL
;
A
2 'polypeptide(L)'
;GPGSSQSELDQLRQEAEQLKNQIRDARKACADATLSQITNNIDPVGRIQMRTRRTLRGHLAKIYAMHWGTDSRLLVSASQ
DGKLIIWDSYTTNKVHAIPLRSSWVMTCAYAPSGNYVACGGLDNICSIYNLKTREGNVRVSRELAGHTGYLSCCRFLDDN
QIVTSSGDTTCALWDIETGQQTTTFTGHTGDVMSLSLAPDTRLFVSGACDASAKLWDVREGMCRQTFTGHESDINAICFF
PNGNAFATGSDDATCRLFDLRADQELMTYSHDNIICGITSVSFSKSGRLLLAGYDDFNCNVWDALKADRAGVLAGHDNRV
SCLGVTDDGMAVATGSWDSFLKIWN
;
B
3 'polypeptide(L)' MASNNTASIAQARKLVEQLKMEANIDRIKVSKAAADLMAYCEAHAKEDPLLTPVPASENPFREKKFFCAIL C
4 'polypeptide(L)'
;MQVQLQESGGGLVQPGGSLRLSCAASGFTFSNYKMNWVRQAPGKGLEWVSDISQSGASISYTGSVKGRFTISRDNAKNTL
YLQMNSLKPEDTAVYYCARCPAPFTRDCFDVTSTTYAYRGQGTQVTVSSHHHHHHEPEA
;
N
5 'polypeptide(L)'
;MKTIIALSYIFCLVFADYKDDDDGAPMKSPFYRCQNTTSVEKGNSAVMGGVLFSTGLLGNLLALGLLARSGLGWCSRRPL
RPLPSVFYMLVCGLTVTDLLGKCLLSPVVLAAYAQNRSLRVLAPALDNSLCQAFAFFMSFFGLSSTLQLLAMALECWLSL
GHPFFYRRHITLRLGALVAPVVSAFSLAFCALPFMGFGKFVQYCPGTWCFIQMVHEEGSLSVLGYSVLYSSLMALLVLAT
VLCNLGAMRNLYAMHRRLQRHPRSCTRDCAEPRADGREASPQPLEELDHLLLLALMTVLFTMCSLPVIYRAYYGAFKDVK
EKNRTSEEAEDLRALRFLSVISIVDPWIFIIFRSPVFRIFFHKIFIRPLRYRSRCSNSTNMESSL
;
R
#
# COMPACT_ATOMS: atom_id res chain seq x y z
N THR A 9 37.64 21.06 -20.85
CA THR A 9 36.43 20.53 -20.24
C THR A 9 35.21 21.34 -20.69
N GLU A 10 35.37 22.08 -21.77
CA GLU A 10 34.25 22.85 -22.32
C GLU A 10 33.13 21.94 -22.82
N ASP A 11 33.50 20.84 -23.48
CA ASP A 11 32.49 19.89 -23.93
C ASP A 11 31.83 19.16 -22.76
N GLN A 12 32.59 18.88 -21.70
CA GLN A 12 32.03 18.23 -20.52
C GLN A 12 31.01 19.15 -19.84
N ARG A 13 31.29 20.45 -19.78
CA ARG A 13 30.33 21.38 -19.20
C ARG A 13 29.11 21.57 -20.08
N ASN A 14 29.27 21.50 -21.40
CA ASN A 14 28.14 21.68 -22.30
C ASN A 14 27.21 20.47 -22.29
N GLU A 15 27.77 19.27 -22.18
CA GLU A 15 26.92 18.08 -22.22
C GLU A 15 26.13 17.90 -20.93
N GLU A 16 26.65 18.41 -19.81
CA GLU A 16 25.86 18.43 -18.59
C GLU A 16 24.81 19.54 -18.60
N LYS A 17 25.12 20.66 -19.26
CA LYS A 17 24.11 21.68 -19.50
C LYS A 17 22.99 21.14 -20.37
N ALA A 18 23.33 20.39 -21.43
CA ALA A 18 22.32 19.77 -22.27
C ALA A 18 21.57 18.67 -21.54
N GLN A 19 22.23 17.96 -20.63
CA GLN A 19 21.55 16.93 -19.86
C GLN A 19 20.62 17.53 -18.81
N ARG A 20 20.97 18.71 -18.29
CA ARG A 20 20.10 19.37 -17.32
C ARG A 20 18.87 19.96 -17.99
N GLU A 21 19.02 20.46 -19.22
CA GLU A 21 17.87 20.99 -19.95
C GLU A 21 16.89 19.88 -20.34
N ALA A 22 17.41 18.70 -20.71
CA ALA A 22 16.52 17.59 -21.03
C ALA A 22 15.80 17.06 -19.80
N ASN A 23 16.41 17.19 -18.62
CA ASN A 23 15.73 16.82 -17.39
C ASN A 23 14.63 17.80 -17.03
N LYS A 24 14.82 19.08 -17.35
CA LYS A 24 13.77 20.08 -17.09
C LYS A 24 12.54 19.85 -17.95
N LYS A 25 12.75 19.47 -19.22
CA LYS A 25 11.63 19.22 -20.12
C LYS A 25 10.82 18.01 -19.66
N ILE A 26 11.49 17.01 -19.10
CA ILE A 26 10.79 15.83 -18.60
C ILE A 26 9.98 16.17 -17.35
N GLU A 27 10.55 16.97 -16.45
CA GLU A 27 9.86 17.30 -15.21
C GLU A 27 8.61 18.14 -15.45
N LYS A 28 8.62 18.98 -16.48
CA LYS A 28 7.42 19.74 -16.83
C LYS A 28 6.31 18.82 -17.34
N GLN A 29 6.68 17.79 -18.10
CA GLN A 29 5.67 16.84 -18.59
C GLN A 29 5.13 15.99 -17.45
N LEU A 30 5.98 15.63 -16.49
CA LEU A 30 5.53 14.82 -15.36
C LEU A 30 4.62 15.60 -14.41
N GLN A 31 4.63 16.93 -14.48
CA GLN A 31 3.68 17.71 -13.70
C GLN A 31 2.28 17.64 -14.29
N LYS A 32 2.17 17.66 -15.61
CA LYS A 32 0.87 17.50 -16.25
C LYS A 32 0.33 16.11 -16.03
N ASP A 33 1.20 15.09 -16.03
CA ASP A 33 0.75 13.72 -15.82
C ASP A 33 0.30 13.49 -14.38
N LYS A 34 0.87 14.23 -13.43
CA LYS A 34 0.48 14.07 -12.03
C LYS A 34 -0.92 14.62 -11.79
N GLN A 35 -1.27 15.71 -12.45
CA GLN A 35 -2.61 16.29 -12.29
C GLN A 35 -3.67 15.37 -12.86
N VAL A 36 -3.40 14.74 -14.00
CA VAL A 36 -4.36 13.81 -14.59
C VAL A 36 -4.49 12.56 -13.73
N TYR A 37 -3.38 12.09 -13.15
CA TYR A 37 -3.40 10.84 -12.41
C TYR A 37 -4.25 10.93 -11.14
N ARG A 38 -4.17 12.04 -10.44
CA ARG A 38 -4.93 12.20 -9.20
C ARG A 38 -6.36 12.70 -9.43
N ALA A 39 -6.68 13.13 -10.64
CA ALA A 39 -8.04 13.48 -11.00
C ALA A 39 -8.81 12.31 -11.60
N THR A 40 -8.18 11.15 -11.71
CA THR A 40 -8.79 9.95 -12.31
C THR A 40 -8.85 8.85 -11.25
N HIS A 41 -9.99 8.18 -11.18
CA HIS A 41 -10.21 7.10 -10.23
C HIS A 41 -10.30 5.78 -10.98
N ARG A 42 -9.55 4.78 -10.51
CA ARG A 42 -9.44 3.50 -11.17
C ARG A 42 -10.22 2.44 -10.40
N LEU A 43 -10.95 1.60 -11.13
CA LEU A 43 -11.78 0.56 -10.55
C LEU A 43 -11.44 -0.77 -11.18
N LEU A 44 -11.54 -1.84 -10.40
CA LEU A 44 -11.39 -3.20 -10.88
C LEU A 44 -12.76 -3.87 -10.90
N LEU A 45 -13.15 -4.37 -12.07
CA LEU A 45 -14.42 -5.07 -12.23
C LEU A 45 -14.13 -6.57 -12.18
N LEU A 46 -14.60 -7.23 -11.13
CA LEU A 46 -14.32 -8.64 -10.90
C LEU A 46 -15.64 -9.39 -10.82
N GLY A 47 -15.70 -10.54 -11.50
CA GLY A 47 -16.89 -11.37 -11.47
C GLY A 47 -16.86 -12.44 -12.54
N ALA A 48 -17.71 -13.46 -12.39
CA ALA A 48 -17.79 -14.53 -13.36
C ALA A 48 -18.63 -14.10 -14.57
N GLY A 49 -18.53 -14.88 -15.65
CA GLY A 49 -19.29 -14.56 -16.85
C GLY A 49 -20.78 -14.74 -16.66
N GLU A 50 -21.18 -15.75 -15.90
CA GLU A 50 -22.60 -16.00 -15.67
C GLU A 50 -23.21 -15.00 -14.70
N SER A 51 -22.39 -14.29 -13.92
CA SER A 51 -22.88 -13.40 -12.88
C SER A 51 -23.55 -12.14 -13.42
N GLY A 52 -23.46 -11.88 -14.72
CA GLY A 52 -23.95 -10.64 -15.27
C GLY A 52 -22.94 -9.52 -15.25
N LYS A 53 -21.65 -9.84 -15.17
CA LYS A 53 -20.61 -8.82 -15.13
C LYS A 53 -20.59 -8.00 -16.42
N ASN A 54 -20.81 -8.65 -17.56
CA ASN A 54 -20.79 -7.95 -18.84
C ASN A 54 -21.98 -7.00 -18.97
N THR A 55 -23.10 -7.30 -18.30
CA THR A 55 -24.23 -6.38 -18.34
C THR A 55 -23.94 -5.11 -17.56
N ILE A 56 -23.08 -5.19 -16.54
CA ILE A 56 -22.67 -4.00 -15.82
C ILE A 56 -21.80 -3.10 -16.69
N VAL A 57 -21.05 -3.69 -17.62
CA VAL A 57 -20.14 -2.92 -18.47
C VAL A 57 -20.93 -1.96 -19.36
N LYS A 58 -22.01 -2.45 -19.98
CA LYS A 58 -22.80 -1.59 -20.87
C LYS A 58 -23.63 -0.58 -20.09
N GLN A 59 -23.94 -0.88 -18.82
CA GLN A 59 -24.60 0.11 -17.97
C GLN A 59 -23.70 1.31 -17.71
N MET A 60 -22.41 1.07 -17.47
CA MET A 60 -21.48 2.17 -17.22
C MET A 60 -21.27 3.02 -18.46
N ARG A 61 -21.19 2.38 -19.63
CA ARG A 61 -20.98 3.11 -20.89
C ARG A 61 -22.26 3.83 -21.31
N THR A 204 -8.02 -12.68 -26.46
CA THR A 204 -6.70 -12.29 -26.92
C THR A 204 -6.12 -11.17 -26.05
N SER A 205 -6.88 -10.07 -25.93
CA SER A 205 -6.45 -8.94 -25.12
C SER A 205 -6.43 -9.34 -23.65
N GLY A 206 -5.36 -8.94 -22.96
CA GLY A 206 -5.20 -9.35 -21.57
C GLY A 206 -6.09 -8.60 -20.60
N ILE A 207 -6.51 -7.39 -20.96
CA ILE A 207 -7.29 -6.56 -20.07
C ILE A 207 -8.07 -5.55 -20.90
N PHE A 208 -9.28 -5.22 -20.47
CA PHE A 208 -10.14 -4.26 -21.14
C PHE A 208 -10.40 -3.07 -20.22
N GLU A 209 -10.56 -1.89 -20.81
CA GLU A 209 -10.78 -0.67 -20.06
C GLU A 209 -12.07 0.02 -20.52
N THR A 210 -12.86 0.48 -19.55
CA THR A 210 -14.06 1.26 -19.80
C THR A 210 -13.94 2.60 -19.08
N LYS A 211 -14.22 3.69 -19.79
CA LYS A 211 -14.13 5.03 -19.25
C LYS A 211 -15.52 5.65 -19.22
N PHE A 212 -15.87 6.26 -18.09
CA PHE A 212 -17.13 6.96 -17.94
C PHE A 212 -16.94 8.10 -16.95
N GLN A 213 -17.81 9.10 -17.05
CA GLN A 213 -17.69 10.32 -16.27
C GLN A 213 -19.00 10.63 -15.57
N VAL A 214 -18.93 10.89 -14.27
CA VAL A 214 -20.10 11.26 -13.46
C VAL A 214 -19.78 12.58 -12.75
N ASP A 215 -20.51 13.63 -13.09
CA ASP A 215 -20.36 14.96 -12.49
C ASP A 215 -18.93 15.48 -12.61
N LYS A 216 -18.41 15.45 -13.84
CA LYS A 216 -17.08 15.96 -14.18
C LYS A 216 -15.96 15.24 -13.43
N VAL A 217 -16.18 13.97 -13.09
CA VAL A 217 -15.17 13.14 -12.44
C VAL A 217 -14.93 11.93 -13.33
N ASN A 218 -13.66 11.68 -13.65
CA ASN A 218 -13.29 10.63 -14.59
C ASN A 218 -13.06 9.32 -13.87
N PHE A 219 -13.63 8.24 -14.40
CA PHE A 219 -13.46 6.89 -13.87
C PHE A 219 -12.95 5.97 -14.96
N HIS A 220 -11.98 5.13 -14.60
CA HIS A 220 -11.43 4.12 -15.50
C HIS A 220 -11.65 2.75 -14.86
N MET A 221 -12.47 1.91 -15.48
CA MET A 221 -12.80 0.59 -14.97
C MET A 221 -12.09 -0.46 -15.81
N PHE A 222 -11.46 -1.43 -15.15
CA PHE A 222 -10.65 -2.44 -15.81
C PHE A 222 -11.26 -3.82 -15.60
N ASP A 223 -11.39 -4.57 -16.67
CA ASP A 223 -11.94 -5.92 -16.65
C ASP A 223 -10.89 -6.91 -17.14
N VAL A 224 -10.73 -8.00 -16.43
CA VAL A 224 -9.70 -8.99 -16.73
C VAL A 224 -10.19 -9.88 -17.86
N GLY A 225 -9.54 -9.78 -19.02
CA GLY A 225 -9.99 -10.50 -20.20
C GLY A 225 -9.44 -11.90 -20.37
N ALA A 226 -8.11 -12.03 -20.48
CA ALA A 226 -7.48 -13.31 -20.80
C ALA A 226 -6.43 -13.62 -19.74
N GLN A 227 -6.88 -14.20 -18.64
CA GLN A 227 -5.99 -14.69 -17.59
C GLN A 227 -6.55 -16.01 -17.07
N ARG A 228 -5.67 -16.82 -16.49
CA ARG A 228 -6.11 -18.08 -15.94
C ARG A 228 -6.88 -17.85 -14.63
N ASP A 229 -7.55 -18.89 -14.17
CA ASP A 229 -8.38 -18.79 -12.97
C ASP A 229 -7.58 -18.69 -11.69
N GLU A 230 -6.26 -18.85 -11.75
CA GLU A 230 -5.40 -18.62 -10.59
C GLU A 230 -5.08 -17.13 -10.50
N ARG A 231 -5.62 -16.47 -9.48
CA ARG A 231 -5.58 -15.01 -9.38
C ARG A 231 -4.59 -14.49 -8.35
N ARG A 232 -3.93 -15.36 -7.59
CA ARG A 232 -3.18 -14.92 -6.41
C ARG A 232 -1.96 -14.09 -6.74
N LYS A 233 -1.53 -14.03 -8.00
CA LYS A 233 -0.37 -13.25 -8.38
C LYS A 233 -0.73 -11.94 -9.06
N TRP A 234 -1.64 -11.96 -10.04
CA TRP A 234 -1.94 -10.73 -10.77
C TRP A 234 -2.96 -9.85 -10.06
N ILE A 235 -3.59 -10.32 -8.98
CA ILE A 235 -4.52 -9.47 -8.24
C ILE A 235 -3.80 -8.48 -7.35
N GLN A 236 -2.50 -8.66 -7.12
CA GLN A 236 -1.73 -7.69 -6.34
C GLN A 236 -1.54 -6.37 -7.08
N CYS A 237 -1.76 -6.35 -8.40
CA CYS A 237 -1.63 -5.11 -9.16
C CYS A 237 -2.72 -4.10 -8.82
N PHE A 238 -3.84 -4.54 -8.26
CA PHE A 238 -4.99 -3.68 -7.99
C PHE A 238 -5.10 -3.32 -6.51
N ASN A 239 -3.97 -3.15 -5.83
CA ASN A 239 -4.00 -2.82 -4.41
C ASN A 239 -4.23 -1.34 -4.16
N ASP A 240 -4.09 -0.49 -5.17
CA ASP A 240 -4.23 0.96 -5.00
C ASP A 240 -5.43 1.54 -5.75
N VAL A 241 -6.33 0.69 -6.25
CA VAL A 241 -7.54 1.21 -6.87
C VAL A 241 -8.45 1.82 -5.82
N THR A 242 -9.36 2.70 -6.28
CA THR A 242 -10.31 3.31 -5.37
C THR A 242 -11.26 2.27 -4.78
N ALA A 243 -11.75 1.35 -5.61
CA ALA A 243 -12.65 0.32 -5.13
C ALA A 243 -12.58 -0.87 -6.07
N ILE A 244 -12.99 -2.03 -5.56
CA ILE A 244 -13.16 -3.25 -6.33
C ILE A 244 -14.64 -3.49 -6.48
N ILE A 245 -15.12 -3.57 -7.72
CA ILE A 245 -16.53 -3.85 -8.00
C ILE A 245 -16.69 -5.35 -8.13
N PHE A 246 -17.41 -5.95 -7.19
CA PHE A 246 -17.59 -7.40 -7.10
C PHE A 246 -19.04 -7.72 -7.49
N VAL A 247 -19.21 -8.49 -8.55
CA VAL A 247 -20.51 -8.81 -9.10
C VAL A 247 -20.83 -10.27 -8.80
N VAL A 248 -21.97 -10.51 -8.16
CA VAL A 248 -22.38 -11.83 -7.71
C VAL A 248 -23.74 -12.15 -8.31
N ALA A 249 -23.89 -13.36 -8.86
CA ALA A 249 -25.18 -13.86 -9.30
C ALA A 249 -25.92 -14.38 -8.08
N SER A 250 -26.86 -13.57 -7.56
CA SER A 250 -27.58 -13.95 -6.35
C SER A 250 -28.54 -15.12 -6.58
N SER A 251 -28.94 -15.37 -7.82
CA SER A 251 -29.84 -16.46 -8.12
C SER A 251 -29.14 -17.81 -8.24
N SER A 252 -27.81 -17.82 -8.33
CA SER A 252 -27.05 -19.06 -8.51
C SER A 252 -26.67 -19.61 -7.14
N TYR A 253 -27.65 -20.20 -6.47
CA TYR A 253 -27.44 -20.83 -5.17
C TYR A 253 -27.60 -22.34 -5.20
N ASN A 254 -28.09 -22.90 -6.32
CA ASN A 254 -28.28 -24.34 -6.42
C ASN A 254 -27.91 -24.84 -7.81
N THR A 263 -23.88 -26.57 -9.62
CA THR A 263 -22.85 -26.31 -8.63
C THR A 263 -23.20 -25.09 -7.77
N ASN A 264 -22.62 -25.04 -6.57
CA ASN A 264 -22.89 -23.96 -5.62
C ASN A 264 -22.04 -22.76 -6.02
N ARG A 265 -22.56 -21.95 -6.93
CA ARG A 265 -21.84 -20.75 -7.37
C ARG A 265 -21.87 -19.67 -6.30
N LEU A 266 -22.88 -19.67 -5.43
CA LEU A 266 -22.94 -18.67 -4.37
C LEU A 266 -21.88 -18.90 -3.32
N GLN A 267 -21.61 -20.16 -2.97
CA GLN A 267 -20.53 -20.46 -2.03
C GLN A 267 -19.16 -20.18 -2.65
N ALA A 268 -19.03 -20.40 -3.96
CA ALA A 268 -17.77 -20.07 -4.64
C ALA A 268 -17.50 -18.58 -4.62
N ALA A 269 -18.54 -17.76 -4.79
CA ALA A 269 -18.38 -16.31 -4.72
C ALA A 269 -18.09 -15.84 -3.31
N LEU A 270 -18.65 -16.51 -2.30
CA LEU A 270 -18.33 -16.18 -0.91
C LEU A 270 -16.88 -16.47 -0.58
N LYS A 271 -16.35 -17.57 -1.11
CA LYS A 271 -14.96 -17.92 -0.86
C LYS A 271 -13.99 -16.95 -1.52
N LEU A 272 -14.32 -16.51 -2.74
CA LEU A 272 -13.47 -15.54 -3.42
C LEU A 272 -13.48 -14.19 -2.70
N PHE A 273 -14.64 -13.77 -2.20
CA PHE A 273 -14.73 -12.52 -1.46
C PHE A 273 -13.96 -12.59 -0.15
N ASP A 274 -13.96 -13.76 0.49
CA ASP A 274 -13.22 -13.93 1.74
C ASP A 274 -11.73 -13.77 1.53
N SER A 275 -11.20 -14.30 0.43
CA SER A 275 -9.77 -14.20 0.16
C SER A 275 -9.38 -12.78 -0.20
N ILE A 276 -10.21 -12.08 -0.98
CA ILE A 276 -9.93 -10.69 -1.32
C ILE A 276 -9.95 -9.81 -0.09
N TRP A 277 -10.95 -10.01 0.78
CA TRP A 277 -11.10 -9.19 1.97
C TRP A 277 -9.95 -9.40 2.95
N ASN A 278 -9.39 -10.60 3.00
CA ASN A 278 -8.37 -10.96 3.97
C ASN A 278 -6.97 -11.02 3.38
N ASN A 279 -6.79 -10.65 2.12
CA ASN A 279 -5.46 -10.59 1.54
C ASN A 279 -4.68 -9.44 2.14
N LYS A 280 -3.39 -9.66 2.40
CA LYS A 280 -2.59 -8.68 3.12
C LYS A 280 -2.32 -7.43 2.30
N TRP A 281 -2.32 -7.54 0.97
CA TRP A 281 -2.10 -6.38 0.11
C TRP A 281 -3.39 -5.68 -0.27
N LEU A 282 -4.54 -6.21 0.14
CA LEU A 282 -5.84 -5.62 -0.16
C LEU A 282 -6.59 -5.20 1.10
N ARG A 283 -5.87 -4.95 2.20
CA ARG A 283 -6.51 -4.61 3.47
C ARG A 283 -7.04 -3.20 3.50
N ASP A 284 -6.60 -2.32 2.60
CA ASP A 284 -7.07 -0.94 2.56
C ASP A 284 -7.94 -0.65 1.35
N THR A 285 -8.38 -1.68 0.64
CA THR A 285 -9.17 -1.51 -0.58
C THR A 285 -10.63 -1.85 -0.26
N SER A 286 -11.53 -0.91 -0.54
CA SER A 286 -12.95 -1.12 -0.31
C SER A 286 -13.56 -1.90 -1.47
N VAL A 287 -14.65 -2.60 -1.18
CA VAL A 287 -15.32 -3.44 -2.15
C VAL A 287 -16.76 -2.96 -2.31
N ILE A 288 -17.16 -2.68 -3.55
CA ILE A 288 -18.53 -2.36 -3.89
C ILE A 288 -19.17 -3.65 -4.39
N LEU A 289 -20.15 -4.16 -3.64
CA LEU A 289 -20.72 -5.47 -3.89
C LEU A 289 -22.07 -5.30 -4.60
N PHE A 290 -22.20 -5.91 -5.76
CA PHE A 290 -23.44 -5.90 -6.53
C PHE A 290 -24.03 -7.31 -6.55
N LEU A 291 -25.13 -7.50 -5.84
CA LEU A 291 -25.86 -8.75 -5.86
C LEU A 291 -26.81 -8.70 -7.05
N ASN A 292 -26.45 -9.37 -8.12
CA ASN A 292 -27.09 -9.19 -9.41
C ASN A 292 -28.24 -10.17 -9.61
N LYS A 293 -29.10 -9.85 -10.58
CA LYS A 293 -30.21 -10.69 -11.02
C LYS A 293 -31.18 -10.99 -9.88
N GLN A 294 -31.80 -9.93 -9.37
CA GLN A 294 -32.83 -10.10 -8.35
C GLN A 294 -34.12 -10.64 -8.94
N ASP A 295 -34.41 -10.32 -10.20
CA ASP A 295 -35.59 -10.85 -10.86
C ASP A 295 -35.50 -12.37 -11.04
N LEU A 296 -34.32 -12.87 -11.39
CA LEU A 296 -34.13 -14.31 -11.47
C LEU A 296 -34.28 -14.97 -10.11
N LEU A 297 -33.78 -14.32 -9.06
CA LEU A 297 -34.00 -14.81 -7.70
C LEU A 297 -35.47 -14.77 -7.33
N ALA A 298 -36.21 -13.79 -7.84
CA ALA A 298 -37.64 -13.69 -7.52
C ALA A 298 -38.42 -14.87 -8.05
N GLU A 299 -38.09 -15.33 -9.26
CA GLU A 299 -38.81 -16.46 -9.85
C GLU A 299 -38.57 -17.74 -9.07
N LYS A 300 -37.34 -17.98 -8.64
CA LYS A 300 -36.97 -19.27 -8.05
C LYS A 300 -37.36 -19.41 -6.59
N VAL A 301 -37.83 -18.34 -5.95
CA VAL A 301 -38.20 -18.36 -4.53
C VAL A 301 -39.71 -18.35 -4.35
N LEU A 302 -40.42 -17.50 -5.10
CA LEU A 302 -41.85 -17.33 -4.88
C LEU A 302 -42.63 -18.53 -5.42
N ALA A 303 -42.56 -18.76 -6.74
CA ALA A 303 -43.31 -19.82 -7.37
C ALA A 303 -42.46 -21.04 -7.71
N GLY A 304 -41.17 -20.86 -7.92
CA GLY A 304 -40.31 -21.98 -8.28
C GLY A 304 -40.09 -22.94 -7.12
N LYS A 305 -39.77 -24.18 -7.48
CA LYS A 305 -39.49 -25.23 -6.51
C LYS A 305 -38.03 -25.23 -6.05
N SER A 306 -37.20 -24.34 -6.60
CA SER A 306 -35.81 -24.26 -6.18
C SER A 306 -35.73 -23.76 -4.74
N LYS A 307 -34.87 -24.39 -3.95
CA LYS A 307 -34.75 -24.10 -2.53
C LYS A 307 -33.31 -23.74 -2.18
N ILE A 308 -33.17 -22.88 -1.18
CA ILE A 308 -31.86 -22.44 -0.71
C ILE A 308 -31.51 -23.01 0.65
N GLU A 309 -32.47 -23.62 1.37
CA GLU A 309 -32.17 -24.19 2.67
C GLU A 309 -31.29 -25.42 2.58
N ASP A 310 -31.34 -26.15 1.45
CA ASP A 310 -30.50 -27.33 1.30
C ASP A 310 -29.03 -26.95 1.13
N TYR A 311 -28.75 -25.84 0.47
CA TYR A 311 -27.39 -25.34 0.34
C TYR A 311 -26.97 -24.46 1.50
N PHE A 312 -27.92 -23.85 2.20
CA PHE A 312 -27.63 -22.99 3.35
C PHE A 312 -28.62 -23.35 4.46
N PRO A 313 -28.25 -24.28 5.34
CA PRO A 313 -29.18 -24.69 6.41
C PRO A 313 -29.53 -23.58 7.39
N GLU A 314 -28.71 -22.54 7.49
CA GLU A 314 -28.98 -21.43 8.39
C GLU A 314 -30.12 -20.54 7.92
N PHE A 315 -30.62 -20.73 6.69
CA PHE A 315 -31.69 -19.91 6.16
C PHE A 315 -33.02 -20.18 6.87
N ALA A 316 -33.19 -21.35 7.48
CA ALA A 316 -34.44 -21.67 8.17
C ALA A 316 -34.67 -20.75 9.38
N ARG A 317 -33.61 -20.48 10.13
CA ARG A 317 -33.72 -19.62 11.31
C ARG A 317 -33.64 -18.13 10.97
N TYR A 318 -33.23 -17.78 9.75
CA TYR A 318 -33.03 -16.38 9.41
C TYR A 318 -34.36 -15.67 9.22
N THR A 319 -34.41 -14.42 9.68
CA THR A 319 -35.57 -13.55 9.51
C THR A 319 -35.12 -12.21 8.97
N THR A 320 -36.08 -11.49 8.38
CA THR A 320 -35.79 -10.18 7.80
C THR A 320 -35.44 -9.19 8.91
N PRO A 321 -34.32 -8.47 8.79
CA PRO A 321 -34.01 -7.44 9.80
C PRO A 321 -35.01 -6.31 9.79
N GLU A 322 -35.19 -5.69 10.96
CA GLU A 322 -36.18 -4.63 11.09
C GLU A 322 -35.83 -3.39 10.28
N ASP A 323 -34.53 -3.10 10.11
CA ASP A 323 -34.11 -1.95 9.35
C ASP A 323 -34.13 -2.19 7.84
N ALA A 324 -34.42 -3.40 7.40
CA ALA A 324 -34.52 -3.69 5.97
C ALA A 324 -35.73 -3.01 5.37
N THR A 325 -35.56 -2.46 4.17
CA THR A 325 -36.64 -1.79 3.46
C THR A 325 -37.04 -2.62 2.25
N PRO A 326 -38.17 -3.32 2.29
CA PRO A 326 -38.61 -4.07 1.11
C PRO A 326 -39.00 -3.14 -0.03
N GLU A 327 -38.83 -3.65 -1.25
CA GLU A 327 -39.20 -2.88 -2.43
C GLU A 327 -40.72 -2.73 -2.50
N PRO A 328 -41.21 -1.66 -3.15
CA PRO A 328 -42.65 -1.57 -3.40
C PRO A 328 -43.12 -2.69 -4.31
N GLY A 329 -44.25 -3.30 -3.95
CA GLY A 329 -44.76 -4.43 -4.69
C GLY A 329 -43.86 -5.65 -4.66
N GLU A 330 -43.31 -5.97 -3.48
CA GLU A 330 -42.38 -7.09 -3.32
C GLU A 330 -42.94 -8.09 -2.32
N ASP A 331 -42.86 -9.36 -2.67
CA ASP A 331 -43.32 -10.41 -1.77
C ASP A 331 -42.36 -10.53 -0.58
N PRO A 332 -42.89 -10.80 0.62
CA PRO A 332 -42.00 -10.97 1.79
C PRO A 332 -41.03 -12.14 1.68
N ARG A 333 -41.41 -13.20 0.96
CA ARG A 333 -40.55 -14.38 0.89
C ARG A 333 -39.25 -14.10 0.13
N VAL A 334 -39.32 -13.31 -0.95
CA VAL A 334 -38.12 -12.97 -1.68
C VAL A 334 -37.32 -11.89 -0.98
N THR A 335 -37.93 -11.16 -0.04
CA THR A 335 -37.16 -10.22 0.78
C THR A 335 -36.17 -10.96 1.67
N ARG A 336 -36.59 -12.08 2.25
CA ARG A 336 -35.68 -12.89 3.06
C ARG A 336 -34.55 -13.46 2.21
N ALA A 337 -34.85 -13.83 0.96
CA ALA A 337 -33.83 -14.40 0.09
C ALA A 337 -32.75 -13.38 -0.25
N LYS A 338 -33.13 -12.12 -0.47
CA LYS A 338 -32.15 -11.10 -0.84
C LYS A 338 -31.27 -10.75 0.35
N TYR A 339 -31.87 -10.53 1.52
CA TYR A 339 -31.11 -10.07 2.68
C TYR A 339 -30.33 -11.20 3.35
N PHE A 340 -30.68 -12.46 3.11
CA PHE A 340 -29.87 -13.56 3.62
C PHE A 340 -28.54 -13.65 2.88
N ILE A 341 -28.58 -13.46 1.56
CA ILE A 341 -27.35 -13.47 0.77
C ILE A 341 -26.48 -12.26 1.11
N ARG A 342 -27.11 -11.11 1.33
CA ARG A 342 -26.36 -9.91 1.71
C ARG A 342 -25.69 -10.09 3.07
N ASP A 343 -26.39 -10.71 4.02
CA ASP A 343 -25.81 -10.94 5.34
C ASP A 343 -24.71 -11.98 5.33
N GLU A 344 -24.67 -12.84 4.31
CA GLU A 344 -23.54 -13.77 4.17
C GLU A 344 -22.24 -13.00 3.88
N PHE A 345 -22.31 -11.99 3.01
CA PHE A 345 -21.13 -11.18 2.73
C PHE A 345 -20.82 -10.20 3.85
N LEU A 346 -21.84 -9.67 4.52
CA LEU A 346 -21.60 -8.73 5.61
C LEU A 346 -21.01 -9.41 6.84
N ARG A 347 -21.25 -10.71 6.99
CA ARG A 347 -20.61 -11.46 8.07
C ARG A 347 -19.10 -11.54 7.85
N ILE A 348 -18.67 -11.69 6.60
CA ILE A 348 -17.25 -11.75 6.29
C ILE A 348 -16.60 -10.37 6.48
N SER A 349 -17.27 -9.32 6.03
CA SER A 349 -16.64 -8.00 6.00
C SER A 349 -16.54 -7.39 7.39
N THR A 350 -17.54 -7.61 8.25
CA THR A 350 -17.52 -7.03 9.59
C THR A 350 -16.67 -7.83 10.57
N ALA A 351 -16.24 -9.03 10.20
CA ALA A 351 -15.41 -9.82 11.10
C ALA A 351 -14.01 -9.23 11.22
N SER A 352 -13.47 -8.68 10.14
CA SER A 352 -12.10 -8.18 10.14
C SER A 352 -11.97 -6.86 9.37
N GLY A 353 -13.00 -6.03 9.39
CA GLY A 353 -12.92 -4.75 8.71
C GLY A 353 -11.89 -3.82 9.34
N ASP A 354 -11.94 -3.69 10.67
CA ASP A 354 -10.96 -2.93 11.46
C ASP A 354 -10.87 -1.46 11.07
N GLY A 355 -11.85 -0.93 10.35
CA GLY A 355 -11.87 0.47 10.00
C GLY A 355 -10.94 0.88 8.88
N ARG A 356 -10.29 -0.07 8.21
CA ARG A 356 -9.39 0.24 7.10
C ARG A 356 -10.12 0.27 5.77
N HIS A 357 -11.05 -0.66 5.56
CA HIS A 357 -11.81 -0.76 4.32
C HIS A 357 -13.25 -1.11 4.67
N TYR A 358 -14.14 -0.81 3.74
CA TYR A 358 -15.57 -0.94 3.98
C TYR A 358 -16.21 -1.64 2.79
N CYS A 359 -17.35 -2.28 3.05
CA CYS A 359 -18.11 -2.97 2.02
C CYS A 359 -19.42 -2.23 1.79
N TYR A 360 -19.77 -2.04 0.52
CA TYR A 360 -20.97 -1.32 0.11
C TYR A 360 -21.83 -2.24 -0.74
N PRO A 361 -22.79 -2.95 -0.13
CA PRO A 361 -23.64 -3.87 -0.90
C PRO A 361 -24.86 -3.21 -1.50
N HIS A 362 -25.16 -3.59 -2.75
CA HIS A 362 -26.31 -3.06 -3.47
C HIS A 362 -27.00 -4.18 -4.22
N PHE A 363 -28.32 -4.04 -4.38
CA PHE A 363 -29.11 -4.93 -5.21
C PHE A 363 -29.29 -4.30 -6.58
N THR A 364 -29.00 -5.04 -7.63
CA THR A 364 -28.97 -4.49 -8.97
C THR A 364 -29.67 -5.42 -9.95
N CYS A 365 -29.96 -4.89 -11.14
CA CYS A 365 -30.56 -5.64 -12.23
C CYS A 365 -29.99 -5.12 -13.54
N ALA A 366 -30.27 -5.84 -14.62
CA ALA A 366 -29.78 -5.44 -15.94
C ALA A 366 -30.49 -4.18 -16.42
N VAL A 367 -31.74 -3.97 -16.01
CA VAL A 367 -32.54 -2.86 -16.54
C VAL A 367 -32.41 -1.63 -15.66
N ASP A 368 -31.66 -1.73 -14.56
CA ASP A 368 -31.52 -0.66 -13.58
C ASP A 368 -31.06 0.66 -14.18
N THR A 369 -29.87 0.68 -14.78
CA THR A 369 -29.20 1.87 -15.33
C THR A 369 -28.96 2.96 -14.30
N GLU A 370 -29.04 2.63 -13.00
CA GLU A 370 -28.71 3.56 -11.93
C GLU A 370 -27.48 3.14 -11.15
N ASN A 371 -26.78 2.09 -11.59
CA ASN A 371 -25.60 1.63 -10.88
C ASN A 371 -24.42 2.57 -11.06
N ILE A 372 -24.41 3.36 -12.13
CA ILE A 372 -23.33 4.31 -12.37
C ILE A 372 -23.34 5.41 -11.31
N ARG A 373 -24.52 5.83 -10.86
CA ARG A 373 -24.62 6.83 -9.80
C ARG A 373 -24.23 6.25 -8.45
N ARG A 374 -24.60 4.99 -8.19
CA ARG A 374 -24.28 4.36 -6.91
C ARG A 374 -22.79 4.08 -6.77
N VAL A 375 -22.09 3.82 -7.87
CA VAL A 375 -20.64 3.73 -7.82
C VAL A 375 -20.03 5.09 -7.46
N PHE A 376 -20.57 6.17 -8.02
CA PHE A 376 -20.07 7.51 -7.73
C PHE A 376 -20.26 7.87 -6.26
N ASN A 377 -21.43 7.54 -5.68
CA ASN A 377 -21.70 7.91 -4.30
C ASN A 377 -20.84 7.12 -3.33
N ASP A 378 -20.66 5.82 -3.58
CA ASP A 378 -19.82 5.01 -2.70
C ASP A 378 -18.36 5.42 -2.78
N CYS A 379 -17.89 5.76 -3.98
CA CYS A 379 -16.52 6.23 -4.14
C CYS A 379 -16.29 7.57 -3.44
N ARG A 380 -17.32 8.43 -3.41
CA ARG A 380 -17.20 9.68 -2.67
C ARG A 380 -17.04 9.42 -1.18
N ASP A 381 -17.77 8.44 -0.64
CA ASP A 381 -17.64 8.08 0.76
C ASP A 381 -16.29 7.44 1.05
N ILE A 382 -15.75 6.67 0.10
CA ILE A 382 -14.43 6.06 0.28
C ILE A 382 -13.35 7.13 0.39
N ILE A 383 -13.43 8.16 -0.46
CA ILE A 383 -12.44 9.23 -0.44
C ILE A 383 -12.55 10.06 0.83
N GLN A 384 -13.78 10.27 1.33
CA GLN A 384 -13.98 11.03 2.56
C GLN A 384 -13.32 10.37 3.75
N ARG A 385 -13.44 9.05 3.86
CA ARG A 385 -12.86 8.34 5.00
C ARG A 385 -11.35 8.22 4.87
N MET A 386 -10.82 8.24 3.65
CA MET A 386 -9.38 8.32 3.47
C MET A 386 -8.84 9.66 3.96
N HIS A 387 -9.58 10.75 3.70
CA HIS A 387 -9.20 12.06 4.16
C HIS A 387 -9.33 12.21 5.67
N LEU A 388 -10.22 11.44 6.30
CA LEU A 388 -10.42 11.54 7.73
C LEU A 388 -9.28 10.94 8.54
N ARG A 389 -8.48 10.05 7.93
CA ARG A 389 -7.39 9.39 8.65
C ARG A 389 -6.21 10.31 8.92
N GLN A 390 -6.16 11.49 8.30
CA GLN A 390 -5.04 12.38 8.51
C GLN A 390 -5.15 13.23 9.77
N TYR A 391 -6.31 13.24 10.43
CA TYR A 391 -6.51 14.04 11.62
C TYR A 391 -6.18 13.31 12.91
N GLU A 392 -5.89 12.02 12.84
CA GLU A 392 -5.29 11.29 13.96
C GLU A 392 -3.77 11.23 13.77
N LEU A 393 -3.17 12.41 13.79
CA LEU A 393 -1.79 12.62 13.36
C LEU A 393 -0.76 11.93 14.25
N LEU A 394 -1.14 11.49 15.43
CA LEU A 394 -0.19 10.81 16.31
C LEU A 394 -0.53 9.33 16.44
N SER B 7 -5.74 -49.82 -15.24
CA SER B 7 -5.87 -48.72 -16.18
C SER B 7 -4.49 -48.26 -16.66
N GLU B 8 -4.45 -47.68 -17.86
CA GLU B 8 -3.19 -47.21 -18.41
C GLU B 8 -2.70 -45.94 -17.70
N LEU B 9 -3.63 -45.11 -17.21
CA LEU B 9 -3.24 -43.92 -16.47
C LEU B 9 -2.58 -44.28 -15.15
N ASP B 10 -3.06 -45.34 -14.50
CA ASP B 10 -2.45 -45.78 -13.24
C ASP B 10 -1.04 -46.32 -13.46
N GLN B 11 -0.82 -47.03 -14.57
CA GLN B 11 0.51 -47.58 -14.83
C GLN B 11 1.53 -46.48 -15.08
N LEU B 12 1.13 -45.41 -15.76
CA LEU B 12 2.04 -44.30 -16.00
C LEU B 12 2.38 -43.56 -14.71
N ARG B 13 1.42 -43.46 -13.79
CA ARG B 13 1.70 -42.85 -12.49
C ARG B 13 2.65 -43.72 -11.66
N GLN B 14 2.57 -45.03 -11.79
CA GLN B 14 3.49 -45.91 -11.08
C GLN B 14 4.90 -45.82 -11.66
N GLU B 15 5.01 -45.75 -12.99
CA GLU B 15 6.34 -45.64 -13.61
C GLU B 15 6.95 -44.28 -13.34
N ALA B 16 6.14 -43.22 -13.30
CA ALA B 16 6.64 -41.91 -12.94
C ALA B 16 7.11 -41.88 -11.49
N GLU B 17 6.38 -42.54 -10.60
CA GLU B 17 6.78 -42.61 -9.19
C GLU B 17 8.06 -43.42 -9.02
N GLN B 18 8.23 -44.47 -9.83
CA GLN B 18 9.47 -45.24 -9.80
C GLN B 18 10.65 -44.41 -10.27
N LEU B 19 10.47 -43.60 -11.32
CA LEU B 19 11.56 -42.78 -11.84
C LEU B 19 11.94 -41.67 -10.87
N LYS B 20 10.98 -41.14 -10.11
CA LYS B 20 11.30 -40.12 -9.12
C LYS B 20 12.15 -40.69 -7.99
N ASN B 21 11.96 -41.96 -7.65
CA ASN B 21 12.79 -42.59 -6.63
C ASN B 21 14.21 -42.83 -7.14
N GLN B 22 14.36 -43.15 -8.43
CA GLN B 22 15.69 -43.32 -9.00
C GLN B 22 16.48 -42.01 -8.99
N ILE B 23 15.80 -40.89 -9.29
CA ILE B 23 16.46 -39.59 -9.26
C ILE B 23 16.85 -39.22 -7.85
N ARG B 24 15.98 -39.49 -6.87
CA ARG B 24 16.27 -39.10 -5.49
C ARG B 24 17.43 -39.91 -4.92
N ASP B 25 17.52 -41.20 -5.27
CA ASP B 25 18.65 -42.01 -4.82
C ASP B 25 19.96 -41.58 -5.46
N ALA B 26 19.91 -41.18 -6.75
CA ALA B 26 21.11 -40.73 -7.42
C ALA B 26 21.64 -39.43 -6.83
N ARG B 27 20.73 -38.52 -6.44
CA ARG B 27 21.15 -37.29 -5.79
C ARG B 27 21.70 -37.57 -4.40
N LYS B 28 21.12 -38.53 -3.68
CA LYS B 28 21.61 -38.86 -2.35
C LYS B 28 22.95 -39.57 -2.40
N ALA B 29 23.25 -40.26 -3.51
CA ALA B 29 24.52 -40.95 -3.63
C ALA B 29 25.68 -39.97 -3.79
N CYS B 30 25.45 -38.81 -4.41
CA CYS B 30 26.51 -37.84 -4.62
C CYS B 30 26.55 -36.77 -3.52
N ALA B 31 25.71 -36.87 -2.50
CA ALA B 31 25.70 -35.91 -1.41
C ALA B 31 26.60 -36.41 -0.27
N ASP B 32 27.90 -36.49 -0.58
CA ASP B 32 28.85 -36.98 0.40
C ASP B 32 29.14 -35.95 1.49
N ALA B 33 29.07 -34.67 1.16
CA ALA B 33 29.30 -33.60 2.12
C ALA B 33 28.27 -32.50 1.89
N THR B 34 28.39 -31.42 2.66
CA THR B 34 27.54 -30.25 2.51
C THR B 34 28.41 -29.02 2.30
N LEU B 35 27.79 -27.94 1.82
CA LEU B 35 28.51 -26.69 1.63
C LEU B 35 28.99 -26.11 2.95
N SER B 36 28.25 -26.36 4.03
CA SER B 36 28.64 -25.84 5.33
C SER B 36 29.92 -26.50 5.83
N GLN B 37 30.09 -27.81 5.58
CA GLN B 37 31.28 -28.50 6.04
C GLN B 37 32.52 -28.06 5.26
N ILE B 38 32.36 -27.82 3.96
CA ILE B 38 33.49 -27.35 3.14
C ILE B 38 33.92 -25.96 3.59
N THR B 39 32.95 -25.11 3.92
CA THR B 39 33.19 -23.84 4.61
C THR B 39 33.36 -24.12 6.11
N ASN B 40 33.18 -23.09 6.93
CA ASN B 40 33.23 -23.15 8.40
C ASN B 40 34.68 -23.16 8.88
N ASN B 41 35.62 -23.13 7.94
CA ASN B 41 37.01 -22.81 8.26
C ASN B 41 37.49 -21.54 7.59
N ILE B 42 36.71 -20.93 6.70
CA ILE B 42 37.08 -19.68 6.06
C ILE B 42 36.61 -18.52 6.93
N ASP B 43 37.20 -17.35 6.69
CA ASP B 43 36.86 -16.18 7.48
C ASP B 43 35.46 -15.67 7.10
N PRO B 44 34.66 -15.25 8.08
CA PRO B 44 33.36 -14.68 7.76
C PRO B 44 33.49 -13.32 7.09
N VAL B 45 32.40 -12.91 6.44
CA VAL B 45 32.37 -11.63 5.72
C VAL B 45 32.55 -10.47 6.69
N GLY B 46 31.86 -10.51 7.82
CA GLY B 46 31.86 -9.40 8.75
C GLY B 46 30.53 -8.70 8.77
N ARG B 47 30.55 -7.38 8.92
CA ARG B 47 29.33 -6.57 8.92
C ARG B 47 29.33 -5.70 7.67
N ILE B 48 28.30 -5.86 6.83
CA ILE B 48 28.17 -5.10 5.60
C ILE B 48 27.22 -3.95 5.86
N GLN B 49 27.75 -2.73 5.87
CA GLN B 49 26.97 -1.53 6.17
C GLN B 49 26.99 -0.63 4.93
N MET B 50 25.91 -0.65 4.16
CA MET B 50 25.78 0.19 2.99
C MET B 50 24.90 1.39 3.30
N ARG B 51 25.18 2.50 2.63
CA ARG B 51 24.43 3.73 2.79
C ARG B 51 23.75 4.08 1.48
N THR B 52 22.64 4.82 1.59
CA THR B 52 21.97 5.33 0.40
C THR B 52 22.79 6.48 -0.19
N ARG B 53 23.16 6.34 -1.46
CA ARG B 53 23.92 7.38 -2.16
C ARG B 53 23.02 8.25 -3.04
N ARG B 54 22.00 7.67 -3.65
CA ARG B 54 21.08 8.38 -4.50
C ARG B 54 19.65 7.98 -4.16
N THR B 55 18.72 8.91 -4.31
CA THR B 55 17.29 8.62 -4.27
C THR B 55 16.68 9.15 -5.55
N LEU B 56 16.04 8.27 -6.31
CA LEU B 56 15.45 8.62 -7.60
C LEU B 56 13.95 8.84 -7.42
N ARG B 57 13.50 10.04 -7.75
CA ARG B 57 12.11 10.44 -7.55
C ARG B 57 11.48 10.86 -8.87
N GLY B 58 10.20 10.60 -9.01
CA GLY B 58 9.48 10.98 -10.21
C GLY B 58 8.38 10.04 -10.64
N HIS B 59 8.44 8.79 -10.17
CA HIS B 59 7.34 7.86 -10.41
C HIS B 59 6.15 8.21 -9.52
N LEU B 60 4.95 8.08 -10.07
CA LEU B 60 3.73 8.44 -9.36
C LEU B 60 3.10 7.27 -8.62
N ALA B 61 3.35 6.05 -9.08
CA ALA B 61 2.77 4.87 -8.44
C ALA B 61 3.86 3.87 -8.09
N LYS B 62 3.46 2.68 -7.65
CA LYS B 62 4.42 1.68 -7.19
C LYS B 62 5.30 1.20 -8.34
N ILE B 63 6.57 0.94 -8.03
CA ILE B 63 7.55 0.49 -9.00
C ILE B 63 7.58 -1.03 -8.99
N TYR B 64 7.51 -1.63 -10.17
CA TYR B 64 7.46 -3.08 -10.30
C TYR B 64 8.79 -3.71 -10.71
N ALA B 65 9.59 -3.04 -11.53
CA ALA B 65 10.81 -3.64 -12.04
C ALA B 65 11.85 -2.57 -12.32
N MET B 66 13.11 -3.00 -12.33
CA MET B 66 14.22 -2.17 -12.77
C MET B 66 15.27 -3.07 -13.39
N HIS B 67 16.14 -2.47 -14.20
CA HIS B 67 17.21 -3.22 -14.84
C HIS B 67 18.35 -2.26 -15.19
N TRP B 68 19.57 -2.61 -14.78
CA TRP B 68 20.75 -1.83 -15.08
C TRP B 68 21.16 -2.00 -16.54
N GLY B 69 21.74 -0.94 -17.10
CA GLY B 69 22.45 -1.06 -18.36
C GLY B 69 23.84 -1.62 -18.17
N THR B 70 24.44 -2.07 -19.26
CA THR B 70 25.75 -2.71 -19.18
C THR B 70 26.87 -1.71 -18.92
N ASP B 71 26.61 -0.41 -19.04
CA ASP B 71 27.60 0.61 -18.70
C ASP B 71 27.62 0.93 -17.21
N SER B 72 26.73 0.31 -16.43
CA SER B 72 26.64 0.46 -14.98
C SER B 72 26.33 1.89 -14.56
N ARG B 73 25.78 2.69 -15.46
CA ARG B 73 25.40 4.07 -15.16
C ARG B 73 23.96 4.38 -15.51
N LEU B 74 23.45 3.85 -16.62
CA LEU B 74 22.07 4.09 -17.02
C LEU B 74 21.17 3.00 -16.47
N LEU B 75 19.97 3.39 -16.04
CA LEU B 75 19.04 2.51 -15.36
C LEU B 75 17.64 2.77 -15.89
N VAL B 76 16.86 1.71 -16.07
CA VAL B 76 15.47 1.83 -16.48
C VAL B 76 14.60 1.23 -15.39
N SER B 77 13.47 1.87 -15.13
CA SER B 77 12.51 1.40 -14.14
C SER B 77 11.10 1.48 -14.69
N ALA B 78 10.22 0.64 -14.16
CA ALA B 78 8.84 0.54 -14.60
C ALA B 78 7.91 0.72 -13.41
N SER B 79 6.90 1.57 -13.59
CA SER B 79 5.90 1.81 -12.55
C SER B 79 4.51 1.70 -13.16
N GLN B 80 3.54 1.38 -12.31
CA GLN B 80 2.17 1.17 -12.76
C GLN B 80 1.38 2.47 -12.90
N ASP B 81 2.07 3.60 -13.00
CA ASP B 81 1.47 4.84 -13.48
C ASP B 81 1.57 4.94 -15.00
N GLY B 82 1.89 3.85 -15.68
CA GLY B 82 2.06 3.84 -17.12
C GLY B 82 3.25 4.61 -17.63
N LYS B 83 4.38 4.52 -16.93
CA LYS B 83 5.57 5.30 -17.26
C LYS B 83 6.80 4.41 -17.24
N LEU B 84 7.75 4.71 -18.13
CA LEU B 84 9.03 4.04 -18.19
C LEU B 84 10.10 5.12 -18.20
N ILE B 85 10.90 5.19 -17.14
CA ILE B 85 11.87 6.26 -16.95
C ILE B 85 13.28 5.68 -17.03
N ILE B 86 14.14 6.33 -17.80
CA ILE B 86 15.56 6.00 -17.89
C ILE B 86 16.34 7.05 -17.12
N TRP B 87 17.14 6.60 -16.16
CA TRP B 87 17.86 7.48 -15.26
C TRP B 87 19.35 7.49 -15.59
N ASP B 88 20.00 8.59 -15.24
CA ASP B 88 21.45 8.67 -15.14
C ASP B 88 21.77 8.64 -13.64
N SER B 89 22.25 7.49 -13.16
CA SER B 89 22.42 7.30 -11.72
C SER B 89 23.53 8.16 -11.13
N TYR B 90 24.50 8.59 -11.93
CA TYR B 90 25.58 9.41 -11.39
C TYR B 90 25.09 10.81 -11.05
N THR B 91 24.17 11.35 -11.84
CA THR B 91 23.70 12.72 -11.67
C THR B 91 22.23 12.81 -11.27
N THR B 92 21.52 11.69 -11.20
CA THR B 92 20.08 11.61 -10.93
C THR B 92 19.23 12.34 -11.96
N ASN B 93 19.79 12.64 -13.12
CA ASN B 93 19.01 13.24 -14.19
C ASN B 93 18.20 12.18 -14.94
N LYS B 94 17.01 12.57 -15.38
CA LYS B 94 16.18 11.70 -16.19
C LYS B 94 16.54 11.87 -17.66
N VAL B 95 16.81 10.76 -18.33
CA VAL B 95 17.19 10.78 -19.74
C VAL B 95 15.97 10.61 -20.64
N HIS B 96 15.10 9.67 -20.32
CA HIS B 96 13.88 9.43 -21.09
C HIS B 96 12.72 9.15 -20.16
N ALA B 97 11.52 9.49 -20.62
CA ALA B 97 10.28 9.13 -19.93
C ALA B 97 9.29 8.66 -20.99
N ILE B 98 9.07 7.35 -21.05
CA ILE B 98 8.26 6.72 -22.10
C ILE B 98 6.87 6.45 -21.53
N PRO B 99 5.82 7.08 -22.07
CA PRO B 99 4.46 6.69 -21.68
C PRO B 99 4.05 5.38 -22.33
N LEU B 100 3.43 4.52 -21.53
CA LEU B 100 3.05 3.18 -21.97
C LEU B 100 1.58 3.13 -22.32
N ARG B 101 1.25 2.32 -23.33
CA ARG B 101 -0.14 2.16 -23.74
C ARG B 101 -0.97 1.45 -22.67
N SER B 102 -0.38 0.46 -22.01
CA SER B 102 -1.04 -0.24 -20.91
C SER B 102 -0.38 0.18 -19.60
N SER B 103 -1.19 0.50 -18.60
CA SER B 103 -0.71 1.00 -17.32
C SER B 103 -0.26 -0.09 -16.37
N TRP B 104 -0.45 -1.36 -16.72
CA TRP B 104 -0.24 -2.48 -15.81
C TRP B 104 1.06 -3.22 -16.09
N VAL B 105 2.13 -2.49 -16.38
CA VAL B 105 3.43 -3.09 -16.65
C VAL B 105 3.93 -3.82 -15.40
N MET B 106 4.53 -5.00 -15.61
CA MET B 106 5.05 -5.81 -14.54
C MET B 106 6.53 -6.14 -14.66
N THR B 107 7.15 -5.85 -15.80
CA THR B 107 8.56 -6.15 -16.00
C THR B 107 9.16 -5.16 -16.99
N CYS B 108 10.48 -5.03 -16.94
CA CYS B 108 11.20 -4.19 -17.89
C CYS B 108 12.59 -4.76 -18.09
N ALA B 109 13.20 -4.42 -19.23
CA ALA B 109 14.51 -4.94 -19.57
C ALA B 109 15.29 -3.88 -20.32
N TYR B 110 16.62 -3.98 -20.25
CA TYR B 110 17.55 -3.09 -20.92
C TYR B 110 18.42 -3.92 -21.85
N ALA B 111 18.51 -3.51 -23.11
CA ALA B 111 19.31 -4.27 -24.06
C ALA B 111 20.81 -4.09 -23.74
N PRO B 112 21.61 -5.14 -23.89
CA PRO B 112 23.05 -5.01 -23.62
C PRO B 112 23.76 -4.02 -24.53
N SER B 113 23.23 -3.76 -25.72
CA SER B 113 23.80 -2.72 -26.57
C SER B 113 23.41 -1.32 -26.12
N GLY B 114 22.38 -1.20 -25.29
CA GLY B 114 21.89 0.09 -24.86
C GLY B 114 20.92 0.75 -25.82
N ASN B 115 20.61 0.12 -26.94
CA ASN B 115 19.78 0.73 -27.97
C ASN B 115 18.29 0.48 -27.78
N TYR B 116 17.91 -0.48 -26.95
CA TYR B 116 16.51 -0.87 -26.82
C TYR B 116 16.14 -1.10 -25.37
N VAL B 117 14.86 -0.95 -25.08
CA VAL B 117 14.27 -1.25 -23.77
C VAL B 117 12.95 -1.96 -24.02
N ALA B 118 12.70 -3.04 -23.27
CA ALA B 118 11.47 -3.79 -23.38
C ALA B 118 10.68 -3.71 -22.08
N CYS B 119 9.36 -3.89 -22.19
CA CYS B 119 8.48 -3.94 -21.02
C CYS B 119 7.21 -4.69 -21.39
N GLY B 120 6.48 -5.11 -20.36
CA GLY B 120 5.24 -5.84 -20.53
C GLY B 120 4.55 -6.06 -19.21
N GLY B 121 3.35 -6.63 -19.29
CA GLY B 121 2.53 -6.81 -18.11
C GLY B 121 1.22 -7.53 -18.35
N LEU B 122 0.14 -6.99 -17.80
CA LEU B 122 -1.17 -7.63 -17.85
C LEU B 122 -1.81 -7.64 -19.23
N ASP B 123 -1.23 -6.93 -20.20
CA ASP B 123 -1.76 -6.92 -21.55
C ASP B 123 -1.23 -8.07 -22.41
N ASN B 124 -0.40 -8.94 -21.84
CA ASN B 124 0.15 -10.14 -22.51
C ASN B 124 0.97 -9.79 -23.74
N ILE B 125 1.65 -8.64 -23.72
CA ILE B 125 2.44 -8.17 -24.85
C ILE B 125 3.79 -7.69 -24.33
N CYS B 126 4.86 -8.05 -25.05
CA CYS B 126 6.20 -7.50 -24.80
C CYS B 126 6.49 -6.44 -25.85
N SER B 127 6.59 -5.19 -25.42
CA SER B 127 6.78 -4.05 -26.32
C SER B 127 8.24 -3.63 -26.33
N ILE B 128 8.78 -3.43 -27.53
CA ILE B 128 10.18 -3.06 -27.73
C ILE B 128 10.23 -1.59 -28.12
N TYR B 129 11.08 -0.82 -27.44
CA TYR B 129 11.22 0.62 -27.68
C TYR B 129 12.62 0.92 -28.18
N ASN B 130 12.70 1.64 -29.30
CA ASN B 130 13.97 2.04 -29.88
C ASN B 130 14.40 3.38 -29.29
N LEU B 131 15.56 3.40 -28.63
CA LEU B 131 16.06 4.61 -27.99
C LEU B 131 16.96 5.43 -28.90
N LYS B 132 17.34 4.92 -30.06
CA LYS B 132 18.27 5.58 -30.96
C LYS B 132 17.58 5.95 -32.27
N THR B 133 16.36 6.44 -32.19
CA THR B 133 15.61 6.81 -33.39
C THR B 133 16.24 8.02 -34.07
N ARG B 134 16.37 7.94 -35.39
CA ARG B 134 16.96 9.03 -36.16
C ARG B 134 15.93 10.13 -36.36
N GLU B 135 16.21 11.31 -35.81
CA GLU B 135 15.35 12.49 -35.89
C GLU B 135 13.95 12.18 -35.34
N GLY B 136 13.92 11.87 -34.04
CA GLY B 136 12.66 11.58 -33.39
C GLY B 136 12.89 11.22 -31.94
N ASN B 137 11.78 10.99 -31.24
CA ASN B 137 11.80 10.59 -29.84
C ASN B 137 11.80 9.07 -29.75
N VAL B 138 11.56 8.54 -28.56
CA VAL B 138 11.47 7.10 -28.36
C VAL B 138 10.11 6.62 -28.82
N ARG B 139 10.11 5.62 -29.71
CA ARG B 139 8.88 5.05 -30.25
C ARG B 139 8.87 3.55 -30.03
N VAL B 140 7.72 2.93 -30.27
CA VAL B 140 7.56 1.49 -30.13
C VAL B 140 8.09 0.84 -31.40
N SER B 141 9.16 0.06 -31.27
CA SER B 141 9.74 -0.61 -32.41
C SER B 141 8.94 -1.84 -32.82
N ARG B 142 8.44 -2.59 -31.84
CA ARG B 142 7.83 -3.89 -32.11
C ARG B 142 6.97 -4.29 -30.92
N GLU B 143 5.83 -4.92 -31.21
CA GLU B 143 4.98 -5.53 -30.19
C GLU B 143 4.96 -7.04 -30.42
N LEU B 144 5.24 -7.81 -29.37
CA LEU B 144 5.32 -9.26 -29.44
C LEU B 144 4.08 -9.85 -28.79
N ALA B 145 3.25 -10.51 -29.60
CA ALA B 145 1.99 -11.08 -29.15
C ALA B 145 2.01 -12.59 -29.35
N GLY B 146 1.27 -13.29 -28.49
CA GLY B 146 1.23 -14.74 -28.55
C GLY B 146 1.10 -15.41 -27.20
N HIS B 147 1.43 -14.70 -26.14
CA HIS B 147 1.22 -15.21 -24.79
C HIS B 147 -0.24 -15.06 -24.39
N THR B 148 -0.79 -16.10 -23.77
CA THR B 148 -2.16 -16.08 -23.27
C THR B 148 -2.24 -15.72 -21.80
N GLY B 149 -1.13 -15.30 -21.20
CA GLY B 149 -1.12 -14.85 -19.82
C GLY B 149 -0.25 -13.61 -19.69
N TYR B 150 -0.26 -13.05 -18.48
CA TYR B 150 0.46 -11.81 -18.24
C TYR B 150 1.97 -12.02 -18.35
N LEU B 151 2.66 -11.00 -18.88
CA LEU B 151 4.11 -11.02 -18.94
C LEU B 151 4.69 -10.77 -17.55
N SER B 152 5.64 -11.62 -17.14
CA SER B 152 6.25 -11.48 -15.83
C SER B 152 7.73 -11.14 -15.87
N CYS B 153 8.46 -11.54 -16.92
CA CYS B 153 9.87 -11.23 -17.02
C CYS B 153 10.28 -11.28 -18.48
N CYS B 154 11.32 -10.53 -18.81
CA CYS B 154 11.88 -10.51 -20.16
C CYS B 154 13.35 -10.10 -20.09
N ARG B 155 14.17 -10.70 -20.94
CA ARG B 155 15.61 -10.43 -20.98
C ARG B 155 16.11 -10.52 -22.41
N PHE B 156 16.81 -9.49 -22.86
CA PHE B 156 17.42 -9.51 -24.19
C PHE B 156 18.59 -10.48 -24.24
N LEU B 157 18.68 -11.23 -25.33
CA LEU B 157 19.91 -11.96 -25.66
C LEU B 157 20.84 -11.10 -26.50
N ASP B 158 20.29 -10.46 -27.52
CA ASP B 158 20.97 -9.44 -28.31
C ASP B 158 19.90 -8.48 -28.82
N ASP B 159 20.22 -7.69 -29.84
CA ASP B 159 19.27 -6.72 -30.37
C ASP B 159 18.11 -7.39 -31.13
N ASN B 160 18.23 -8.66 -31.49
CA ASN B 160 17.21 -9.32 -32.29
C ASN B 160 16.56 -10.51 -31.60
N GLN B 161 16.98 -10.86 -30.39
CA GLN B 161 16.40 -11.98 -29.67
C GLN B 161 16.11 -11.58 -28.23
N ILE B 162 15.01 -12.12 -27.70
CA ILE B 162 14.59 -11.84 -26.33
C ILE B 162 13.79 -13.05 -25.84
N VAL B 163 13.96 -13.38 -24.56
CA VAL B 163 13.25 -14.48 -23.93
C VAL B 163 12.31 -13.91 -22.88
N THR B 164 11.08 -14.43 -22.84
CA THR B 164 10.04 -13.92 -21.97
C THR B 164 9.44 -15.02 -21.13
N SER B 165 9.00 -14.67 -19.93
CA SER B 165 8.19 -15.51 -19.07
C SER B 165 6.76 -15.00 -19.07
N SER B 166 5.83 -15.89 -18.70
CA SER B 166 4.42 -15.53 -18.74
C SER B 166 3.65 -16.33 -17.70
N GLY B 167 2.44 -15.84 -17.43
CA GLY B 167 1.51 -16.47 -16.51
C GLY B 167 0.73 -17.63 -17.07
N ASP B 168 0.95 -17.99 -18.35
CA ASP B 168 0.35 -19.18 -18.93
C ASP B 168 1.24 -20.41 -18.84
N THR B 169 2.12 -20.45 -17.83
CA THR B 169 2.99 -21.60 -17.51
C THR B 169 3.98 -21.91 -18.64
N THR B 170 4.38 -20.90 -19.42
CA THR B 170 5.28 -21.12 -20.54
C THR B 170 6.35 -20.05 -20.58
N CYS B 171 7.42 -20.35 -21.32
CA CYS B 171 8.45 -19.39 -21.69
C CYS B 171 8.63 -19.43 -23.20
N ALA B 172 9.05 -18.31 -23.78
CA ALA B 172 9.17 -18.22 -25.23
C ALA B 172 10.43 -17.47 -25.61
N LEU B 173 10.94 -17.80 -26.79
CA LEU B 173 12.05 -17.09 -27.42
C LEU B 173 11.54 -16.44 -28.70
N TRP B 174 11.85 -15.15 -28.87
CA TRP B 174 11.27 -14.35 -29.94
C TRP B 174 12.32 -13.91 -30.93
N ASP B 175 11.91 -13.80 -32.19
CA ASP B 175 12.67 -13.11 -33.23
C ASP B 175 12.05 -11.71 -33.36
N ILE B 176 12.79 -10.70 -32.90
CA ILE B 176 12.22 -9.36 -32.80
C ILE B 176 11.93 -8.77 -34.18
N GLU B 177 12.78 -9.08 -35.16
CA GLU B 177 12.58 -8.53 -36.50
C GLU B 177 11.29 -9.02 -37.13
N THR B 178 10.96 -10.31 -36.97
CA THR B 178 9.73 -10.86 -37.52
C THR B 178 8.60 -10.92 -36.53
N GLY B 179 8.88 -10.80 -35.23
CA GLY B 179 7.83 -10.80 -34.24
C GLY B 179 7.19 -12.15 -33.95
N GLN B 180 7.88 -13.25 -34.28
CA GLN B 180 7.34 -14.58 -34.12
C GLN B 180 8.09 -15.34 -33.05
N GLN B 181 7.37 -16.21 -32.34
CA GLN B 181 7.98 -17.11 -31.37
C GLN B 181 8.84 -18.13 -32.11
N THR B 182 10.15 -18.09 -31.90
CA THR B 182 11.03 -19.11 -32.47
C THR B 182 10.90 -20.42 -31.70
N THR B 183 10.86 -20.36 -30.37
CA THR B 183 10.82 -21.54 -29.54
C THR B 183 9.88 -21.31 -28.35
N THR B 184 9.15 -22.35 -27.97
CA THR B 184 8.29 -22.32 -26.79
C THR B 184 8.83 -23.32 -25.77
N PHE B 185 8.97 -22.88 -24.52
CA PHE B 185 9.49 -23.70 -23.44
C PHE B 185 8.34 -24.05 -22.51
N THR B 186 7.94 -25.33 -22.50
CA THR B 186 6.79 -25.79 -21.74
C THR B 186 7.22 -26.88 -20.76
N GLY B 187 6.42 -27.03 -19.71
CA GLY B 187 6.71 -28.01 -18.67
C GLY B 187 6.35 -27.58 -17.27
N HIS B 188 6.34 -26.27 -17.02
CA HIS B 188 5.87 -25.76 -15.75
C HIS B 188 4.37 -25.94 -15.62
N THR B 189 3.90 -26.10 -14.38
CA THR B 189 2.48 -26.25 -14.09
C THR B 189 1.92 -25.08 -13.30
N GLY B 190 2.67 -23.98 -13.18
CA GLY B 190 2.19 -22.78 -12.53
C GLY B 190 2.71 -21.56 -13.26
N ASP B 191 2.28 -20.39 -12.79
CA ASP B 191 2.70 -19.13 -13.38
C ASP B 191 4.20 -18.95 -13.23
N VAL B 192 4.89 -18.76 -14.36
CA VAL B 192 6.31 -18.48 -14.33
C VAL B 192 6.53 -17.03 -13.93
N MET B 193 7.35 -16.81 -12.91
CA MET B 193 7.51 -15.48 -12.32
C MET B 193 8.80 -14.78 -12.67
N SER B 194 9.87 -15.52 -12.96
CA SER B 194 11.16 -14.90 -13.20
C SER B 194 12.00 -15.80 -14.09
N LEU B 195 12.97 -15.19 -14.77
CA LEU B 195 13.95 -15.91 -15.56
C LEU B 195 15.30 -15.24 -15.40
N SER B 196 16.37 -16.03 -15.56
CA SER B 196 17.72 -15.52 -15.47
C SER B 196 18.59 -16.19 -16.53
N LEU B 197 19.27 -15.39 -17.34
CA LEU B 197 20.12 -15.90 -18.40
C LEU B 197 21.52 -16.22 -17.86
N ALA B 198 22.11 -17.28 -18.40
CA ALA B 198 23.46 -17.64 -18.06
C ALA B 198 24.44 -16.60 -18.59
N PRO B 199 25.65 -16.52 -18.02
CA PRO B 199 26.65 -15.58 -18.55
C PRO B 199 26.95 -15.77 -20.03
N ASP B 200 26.97 -17.00 -20.50
CA ASP B 200 26.95 -17.30 -21.93
C ASP B 200 25.52 -17.67 -22.29
N THR B 201 24.97 -17.00 -23.31
CA THR B 201 23.54 -17.08 -23.60
C THR B 201 23.19 -18.41 -24.30
N ARG B 202 23.48 -19.51 -23.60
CA ARG B 202 23.13 -20.84 -24.04
C ARG B 202 22.10 -21.53 -23.15
N LEU B 203 21.96 -21.08 -21.91
CA LEU B 203 21.01 -21.66 -20.97
C LEU B 203 20.33 -20.55 -20.19
N PHE B 204 19.17 -20.86 -19.62
CA PHE B 204 18.54 -19.97 -18.66
C PHE B 204 17.71 -20.81 -17.70
N VAL B 205 17.45 -20.22 -16.53
CA VAL B 205 16.64 -20.87 -15.50
C VAL B 205 15.39 -20.03 -15.27
N SER B 206 14.31 -20.70 -14.90
CA SER B 206 13.04 -20.05 -14.62
C SER B 206 12.45 -20.58 -13.34
N GLY B 207 11.75 -19.72 -12.61
CA GLY B 207 11.05 -20.11 -11.41
C GLY B 207 9.56 -19.86 -11.52
N ALA B 208 8.74 -20.83 -11.13
CA ALA B 208 7.30 -20.75 -11.32
C ALA B 208 6.58 -20.94 -9.99
N CYS B 209 5.24 -20.91 -10.07
CA CYS B 209 4.38 -21.05 -8.90
C CYS B 209 4.06 -22.51 -8.58
N ASP B 210 4.83 -23.45 -9.11
CA ASP B 210 4.73 -24.86 -8.74
C ASP B 210 5.85 -25.29 -7.79
N ALA B 211 6.54 -24.32 -7.18
CA ALA B 211 7.63 -24.56 -6.23
C ALA B 211 8.78 -25.33 -6.87
N SER B 212 9.06 -25.04 -8.14
CA SER B 212 10.14 -25.72 -8.85
C SER B 212 10.84 -24.74 -9.77
N ALA B 213 12.08 -25.09 -10.13
CA ALA B 213 12.87 -24.33 -11.08
C ALA B 213 13.41 -25.28 -12.15
N LYS B 214 13.50 -24.77 -13.37
CA LYS B 214 13.88 -25.59 -14.51
C LYS B 214 15.03 -24.94 -15.27
N LEU B 215 15.93 -25.78 -15.77
CA LEU B 215 17.04 -25.35 -16.61
C LEU B 215 16.72 -25.67 -18.06
N TRP B 216 16.78 -24.65 -18.92
CA TRP B 216 16.39 -24.78 -20.31
C TRP B 216 17.60 -24.62 -21.23
N ASP B 217 17.57 -25.34 -22.34
CA ASP B 217 18.55 -25.17 -23.40
C ASP B 217 17.94 -24.29 -24.48
N VAL B 218 18.61 -23.17 -24.78
CA VAL B 218 18.02 -22.16 -25.66
C VAL B 218 17.94 -22.66 -27.10
N ARG B 219 19.01 -23.29 -27.59
CA ARG B 219 19.07 -23.67 -29.00
C ARG B 219 18.36 -24.98 -29.29
N GLU B 220 17.90 -25.71 -28.27
CA GLU B 220 17.15 -26.94 -28.48
C GLU B 220 15.75 -26.93 -27.90
N GLY B 221 15.44 -25.99 -27.01
CA GLY B 221 14.09 -25.83 -26.50
C GLY B 221 13.60 -26.97 -25.63
N MET B 222 14.47 -27.53 -24.79
CA MET B 222 14.10 -28.64 -23.93
C MET B 222 14.55 -28.35 -22.51
N CYS B 223 13.87 -28.99 -21.56
CA CYS B 223 14.22 -28.88 -20.15
C CYS B 223 15.23 -29.96 -19.80
N ARG B 224 16.36 -29.54 -19.22
CA ARG B 224 17.42 -30.46 -18.87
C ARG B 224 17.33 -30.94 -17.43
N GLN B 225 17.16 -30.01 -16.48
CA GLN B 225 17.13 -30.35 -15.07
C GLN B 225 16.00 -29.60 -14.38
N THR B 226 15.41 -30.25 -13.38
CA THR B 226 14.35 -29.68 -12.57
C THR B 226 14.75 -29.74 -11.10
N PHE B 227 14.48 -28.65 -10.37
CA PHE B 227 14.91 -28.50 -8.99
C PHE B 227 13.69 -28.21 -8.12
N THR B 228 13.51 -29.00 -7.06
CA THR B 228 12.29 -29.00 -6.26
C THR B 228 12.60 -28.85 -4.77
N GLY B 229 13.40 -27.85 -4.41
CA GLY B 229 13.71 -27.61 -3.02
C GLY B 229 12.67 -26.85 -2.24
N HIS B 230 12.12 -25.79 -2.83
CA HIS B 230 11.19 -24.91 -2.13
C HIS B 230 9.85 -25.59 -1.89
N GLU B 231 9.07 -24.99 -0.98
CA GLU B 231 7.75 -25.51 -0.65
C GLU B 231 6.63 -24.52 -0.92
N SER B 232 6.91 -23.42 -1.62
CA SER B 232 5.88 -22.46 -2.01
C SER B 232 6.32 -21.80 -3.31
N ASP B 233 5.56 -20.79 -3.73
CA ASP B 233 5.77 -20.15 -5.04
C ASP B 233 7.12 -19.45 -5.10
N ILE B 234 7.84 -19.64 -6.21
CA ILE B 234 9.13 -19.02 -6.43
C ILE B 234 8.92 -17.69 -7.13
N ASN B 235 9.43 -16.62 -6.54
CA ASN B 235 9.24 -15.28 -7.07
C ASN B 235 10.43 -14.72 -7.82
N ALA B 236 11.65 -15.16 -7.49
CA ALA B 236 12.85 -14.59 -8.08
C ALA B 236 13.90 -15.67 -8.29
N ILE B 237 14.81 -15.41 -9.24
CA ILE B 237 15.86 -16.35 -9.57
C ILE B 237 17.02 -15.56 -10.16
N CYS B 238 18.24 -16.05 -9.93
CA CYS B 238 19.44 -15.36 -10.37
C CYS B 238 20.59 -16.35 -10.46
N PHE B 239 21.36 -16.26 -11.54
CA PHE B 239 22.50 -17.13 -11.77
C PHE B 239 23.70 -16.72 -10.93
N PHE B 240 24.53 -17.70 -10.56
CA PHE B 240 25.83 -17.42 -9.98
C PHE B 240 26.74 -16.84 -11.07
N PRO B 241 27.74 -16.03 -10.68
CA PRO B 241 28.61 -15.41 -11.70
C PRO B 241 29.35 -16.39 -12.61
N ASN B 242 29.70 -17.58 -12.14
CA ASN B 242 30.40 -18.52 -13.01
C ASN B 242 29.46 -19.39 -13.85
N GLY B 243 28.14 -19.34 -13.57
CA GLY B 243 27.16 -20.07 -14.35
C GLY B 243 26.93 -21.50 -13.93
N ASN B 244 27.52 -21.96 -12.84
CA ASN B 244 27.37 -23.34 -12.39
C ASN B 244 26.39 -23.47 -11.22
N ALA B 245 25.72 -22.38 -10.84
CA ALA B 245 24.79 -22.41 -9.72
C ALA B 245 23.82 -21.26 -9.88
N PHE B 246 22.75 -21.29 -9.08
CA PHE B 246 21.78 -20.20 -9.08
C PHE B 246 21.07 -20.18 -7.73
N ALA B 247 20.39 -19.06 -7.46
CA ALA B 247 19.68 -18.86 -6.22
C ALA B 247 18.23 -18.47 -6.50
N THR B 248 17.34 -18.85 -5.60
CA THR B 248 15.91 -18.63 -5.74
C THR B 248 15.34 -17.98 -4.50
N GLY B 249 14.25 -17.25 -4.67
CA GLY B 249 13.52 -16.68 -3.56
C GLY B 249 12.04 -17.01 -3.66
N SER B 250 11.46 -17.39 -2.53
CA SER B 250 10.12 -17.96 -2.52
C SER B 250 9.25 -17.31 -1.45
N ASP B 251 7.96 -17.71 -1.46
CA ASP B 251 6.98 -17.24 -0.50
C ASP B 251 7.07 -17.93 0.84
N ASP B 252 7.90 -18.97 0.98
CA ASP B 252 8.08 -19.66 2.24
C ASP B 252 9.13 -19.00 3.13
N ALA B 253 9.44 -17.72 2.88
CA ALA B 253 10.40 -16.94 3.65
C ALA B 253 11.78 -17.58 3.67
N THR B 254 12.21 -18.06 2.49
CA THR B 254 13.45 -18.81 2.40
C THR B 254 14.09 -18.58 1.04
N CYS B 255 15.41 -18.34 1.04
CA CYS B 255 16.22 -18.40 -0.17
C CYS B 255 17.00 -19.70 -0.18
N ARG B 256 17.24 -20.23 -1.37
CA ARG B 256 17.98 -21.48 -1.53
C ARG B 256 18.96 -21.36 -2.69
N LEU B 257 20.04 -22.16 -2.60
CA LEU B 257 21.07 -22.20 -3.62
C LEU B 257 21.11 -23.60 -4.22
N PHE B 258 21.11 -23.68 -5.55
CA PHE B 258 21.12 -24.94 -6.26
C PHE B 258 22.36 -25.03 -7.13
N ASP B 259 22.91 -26.25 -7.25
CA ASP B 259 24.09 -26.51 -8.07
C ASP B 259 23.67 -27.30 -9.30
N LEU B 260 24.15 -26.87 -10.48
CA LEU B 260 23.77 -27.54 -11.71
C LEU B 260 24.44 -28.90 -11.85
N ARG B 261 25.74 -28.98 -11.57
CA ARG B 261 26.47 -30.22 -11.78
C ARG B 261 26.19 -31.25 -10.69
N ALA B 262 25.92 -30.81 -9.46
CA ALA B 262 25.50 -31.74 -8.42
C ALA B 262 24.00 -32.02 -8.48
N ASP B 263 23.23 -31.19 -9.19
CA ASP B 263 21.81 -31.42 -9.46
C ASP B 263 20.99 -31.47 -8.18
N GLN B 264 21.31 -30.62 -7.21
CA GLN B 264 20.56 -30.57 -5.97
C GLN B 264 20.81 -29.26 -5.25
N GLU B 265 20.01 -29.03 -4.21
CA GLU B 265 20.15 -27.84 -3.37
C GLU B 265 21.40 -27.94 -2.50
N LEU B 266 22.07 -26.81 -2.31
CA LEU B 266 23.27 -26.75 -1.48
C LEU B 266 23.04 -26.04 -0.15
N MET B 267 22.37 -24.89 -0.16
CA MET B 267 22.28 -24.04 1.02
C MET B 267 20.87 -23.46 1.14
N THR B 268 20.48 -23.18 2.37
CA THR B 268 19.20 -22.54 2.68
C THR B 268 19.47 -21.29 3.52
N TYR B 269 18.88 -20.17 3.12
CA TYR B 269 19.07 -18.88 3.79
C TYR B 269 17.74 -18.47 4.42
N SER B 270 17.63 -18.67 5.73
CA SER B 270 16.38 -18.39 6.43
C SER B 270 16.68 -17.99 7.87
N HIS B 271 15.71 -17.31 8.48
CA HIS B 271 15.79 -16.95 9.88
C HIS B 271 14.43 -17.17 10.54
N ASP B 272 14.45 -17.38 11.84
CA ASP B 272 13.22 -17.67 12.58
C ASP B 272 12.28 -16.47 12.60
N ASN B 273 12.81 -15.26 12.72
CA ASN B 273 11.99 -14.06 12.81
C ASN B 273 11.63 -13.48 11.45
N ILE B 274 12.01 -14.13 10.35
CA ILE B 274 11.61 -13.73 9.01
C ILE B 274 10.45 -14.61 8.59
N ILE B 275 9.28 -14.00 8.38
CA ILE B 275 8.07 -14.75 8.05
C ILE B 275 7.39 -14.16 6.83
N CYS B 276 8.14 -13.46 5.99
CA CYS B 276 7.62 -12.84 4.78
C CYS B 276 8.36 -13.38 3.57
N GLY B 277 7.70 -13.35 2.42
CA GLY B 277 8.28 -13.88 1.20
C GLY B 277 9.36 -12.99 0.63
N ILE B 278 10.12 -13.56 -0.31
CA ILE B 278 11.23 -12.89 -0.98
C ILE B 278 10.75 -12.45 -2.35
N THR B 279 10.98 -11.19 -2.70
CA THR B 279 10.55 -10.65 -3.97
C THR B 279 11.63 -10.62 -5.04
N SER B 280 12.90 -10.41 -4.66
CA SER B 280 13.98 -10.30 -5.62
C SER B 280 15.27 -10.79 -5.00
N VAL B 281 16.14 -11.37 -5.82
CA VAL B 281 17.46 -11.83 -5.40
C VAL B 281 18.49 -11.39 -6.43
N SER B 282 19.73 -11.22 -5.96
CA SER B 282 20.85 -10.88 -6.83
C SER B 282 22.15 -11.22 -6.12
N PHE B 283 23.20 -11.38 -6.90
CA PHE B 283 24.54 -11.68 -6.40
C PHE B 283 25.44 -10.46 -6.55
N SER B 284 26.47 -10.40 -5.71
CA SER B 284 27.54 -9.43 -5.89
C SER B 284 28.47 -9.90 -7.00
N LYS B 285 29.51 -9.10 -7.28
CA LYS B 285 30.37 -9.38 -8.43
C LYS B 285 31.13 -10.69 -8.26
N SER B 286 31.63 -10.98 -7.06
CA SER B 286 32.37 -12.20 -6.82
C SER B 286 31.47 -13.38 -6.46
N GLY B 287 30.21 -13.13 -6.13
CA GLY B 287 29.31 -14.18 -5.70
C GLY B 287 29.32 -14.48 -4.22
N ARG B 288 30.11 -13.76 -3.43
CA ARG B 288 30.16 -14.01 -1.99
C ARG B 288 28.90 -13.53 -1.29
N LEU B 289 28.29 -12.46 -1.77
CA LEU B 289 27.11 -11.88 -1.15
C LEU B 289 25.86 -12.21 -1.96
N LEU B 290 24.78 -12.50 -1.26
CA LEU B 290 23.47 -12.76 -1.86
C LEU B 290 22.48 -11.77 -1.25
N LEU B 291 22.01 -10.84 -2.08
CA LEU B 291 21.09 -9.79 -1.63
C LEU B 291 19.67 -10.17 -2.00
N ALA B 292 18.76 -10.07 -1.03
CA ALA B 292 17.37 -10.46 -1.24
C ALA B 292 16.44 -9.36 -0.72
N GLY B 293 15.42 -9.05 -1.51
CA GLY B 293 14.40 -8.10 -1.11
C GLY B 293 13.17 -8.83 -0.56
N TYR B 294 12.59 -8.26 0.48
CA TYR B 294 11.55 -8.92 1.26
C TYR B 294 10.26 -8.10 1.27
N ASP B 295 9.20 -8.73 1.77
CA ASP B 295 7.89 -8.08 1.91
C ASP B 295 7.78 -7.24 3.17
N ASP B 296 8.70 -7.36 4.13
CA ASP B 296 8.69 -6.56 5.34
C ASP B 296 9.43 -5.23 5.17
N PHE B 297 9.59 -4.78 3.93
CA PHE B 297 10.11 -3.47 3.49
C PHE B 297 11.64 -3.42 3.57
N ASN B 298 12.31 -4.53 3.83
CA ASN B 298 13.76 -4.53 4.02
C ASN B 298 14.43 -5.35 2.94
N CYS B 299 15.76 -5.20 2.89
CA CYS B 299 16.62 -6.02 2.04
C CYS B 299 17.74 -6.57 2.89
N ASN B 300 17.92 -7.89 2.86
CA ASN B 300 18.91 -8.57 3.67
C ASN B 300 20.11 -8.98 2.82
N VAL B 301 21.30 -8.82 3.38
CA VAL B 301 22.54 -9.24 2.75
C VAL B 301 22.96 -10.55 3.39
N TRP B 302 23.12 -11.59 2.58
CA TRP B 302 23.49 -12.91 3.04
C TRP B 302 24.90 -13.26 2.62
N ASP B 303 25.61 -13.99 3.47
CA ASP B 303 26.86 -14.63 3.08
C ASP B 303 26.52 -15.92 2.35
N ALA B 304 26.86 -15.98 1.06
CA ALA B 304 26.42 -17.10 0.24
C ALA B 304 27.11 -18.40 0.62
N LEU B 305 28.33 -18.33 1.14
CA LEU B 305 29.07 -19.54 1.50
C LEU B 305 28.80 -20.01 2.92
N LYS B 306 28.40 -19.13 3.82
CA LYS B 306 28.20 -19.48 5.21
C LYS B 306 26.76 -19.33 5.70
N ALA B 307 25.88 -18.73 4.90
CA ALA B 307 24.44 -18.64 5.19
C ALA B 307 24.15 -17.94 6.50
N ASP B 308 24.91 -16.89 6.80
CA ASP B 308 24.62 -16.02 7.92
C ASP B 308 24.46 -14.60 7.42
N ARG B 309 23.47 -13.89 7.98
CA ARG B 309 23.13 -12.56 7.49
C ARG B 309 24.22 -11.57 7.85
N ALA B 310 24.67 -10.79 6.86
CA ALA B 310 25.78 -9.88 7.03
C ALA B 310 25.37 -8.41 7.03
N GLY B 311 24.16 -8.08 6.60
CA GLY B 311 23.75 -6.70 6.54
C GLY B 311 22.28 -6.56 6.22
N VAL B 312 21.78 -5.35 6.43
CA VAL B 312 20.38 -4.99 6.19
C VAL B 312 20.36 -3.68 5.42
N LEU B 313 19.52 -3.61 4.37
CA LEU B 313 19.24 -2.37 3.67
C LEU B 313 17.81 -1.96 4.02
N ALA B 314 17.67 -0.97 4.90
CA ALA B 314 16.38 -0.55 5.44
C ALA B 314 16.18 0.93 5.13
N GLY B 315 15.54 1.23 4.01
CA GLY B 315 15.25 2.60 3.68
C GLY B 315 13.91 2.84 3.00
N HIS B 316 13.14 1.79 2.76
CA HIS B 316 11.89 1.90 2.03
C HIS B 316 10.70 1.83 2.98
N ASP B 317 9.67 2.61 2.68
CA ASP B 317 8.46 2.66 3.48
C ASP B 317 7.40 1.67 3.03
N ASN B 318 7.62 0.98 1.91
CA ASN B 318 6.66 0.00 1.42
C ASN B 318 7.44 -1.20 0.89
N ARG B 319 6.73 -2.09 0.21
CA ARG B 319 7.26 -3.38 -0.19
C ARG B 319 8.38 -3.22 -1.22
N VAL B 320 9.51 -3.89 -0.97
CA VAL B 320 10.60 -3.94 -1.93
C VAL B 320 10.23 -4.92 -3.03
N SER B 321 10.25 -4.45 -4.28
CA SER B 321 9.75 -5.23 -5.40
C SER B 321 10.82 -5.67 -6.39
N CYS B 322 11.94 -4.95 -6.48
CA CYS B 322 12.96 -5.27 -7.46
C CYS B 322 14.33 -4.91 -6.90
N LEU B 323 15.36 -5.50 -7.50
CA LEU B 323 16.73 -5.42 -7.01
C LEU B 323 17.68 -5.60 -8.18
N GLY B 324 18.83 -4.94 -8.12
CA GLY B 324 19.79 -5.06 -9.19
C GLY B 324 21.19 -4.59 -8.86
N VAL B 325 22.20 -5.35 -9.27
CA VAL B 325 23.60 -5.04 -9.03
C VAL B 325 24.26 -4.71 -10.37
N THR B 326 25.11 -3.70 -10.39
CA THR B 326 25.77 -3.27 -11.60
C THR B 326 26.78 -4.33 -12.07
N ASP B 327 27.17 -4.21 -13.35
CA ASP B 327 28.11 -5.17 -13.92
C ASP B 327 29.51 -5.01 -13.36
N ASP B 328 29.88 -3.81 -12.93
CA ASP B 328 31.17 -3.61 -12.28
C ASP B 328 31.11 -3.82 -10.77
N GLY B 329 29.94 -4.09 -10.21
CA GLY B 329 29.80 -4.36 -8.81
C GLY B 329 29.91 -3.15 -7.91
N MET B 330 29.78 -1.95 -8.46
CA MET B 330 29.97 -0.74 -7.66
C MET B 330 28.79 -0.41 -6.77
N ALA B 331 27.57 -0.73 -7.18
CA ALA B 331 26.41 -0.31 -6.42
C ALA B 331 25.24 -1.25 -6.69
N VAL B 332 24.26 -1.22 -5.78
CA VAL B 332 23.01 -1.93 -5.96
C VAL B 332 21.89 -0.90 -6.02
N ALA B 333 20.80 -1.29 -6.67
CA ALA B 333 19.61 -0.46 -6.80
C ALA B 333 18.40 -1.23 -6.29
N THR B 334 17.55 -0.54 -5.53
CA THR B 334 16.33 -1.14 -5.00
C THR B 334 15.14 -0.30 -5.40
N GLY B 335 14.13 -0.93 -5.99
CA GLY B 335 12.87 -0.29 -6.25
C GLY B 335 11.83 -0.77 -5.26
N SER B 336 10.76 0.00 -5.06
CA SER B 336 9.80 -0.34 -4.02
C SER B 336 8.42 0.16 -4.40
N TRP B 337 7.43 -0.26 -3.61
CA TRP B 337 6.05 0.16 -3.79
C TRP B 337 5.77 1.56 -3.26
N ASP B 338 6.76 2.22 -2.65
CA ASP B 338 6.62 3.60 -2.24
C ASP B 338 7.04 4.58 -3.34
N SER B 339 7.26 4.08 -4.56
CA SER B 339 7.57 4.86 -5.76
C SER B 339 8.93 5.53 -5.71
N PHE B 340 9.91 4.90 -5.05
CA PHE B 340 11.25 5.43 -4.98
C PHE B 340 12.27 4.36 -5.34
N LEU B 341 13.35 4.79 -5.98
CA LEU B 341 14.52 3.96 -6.23
C LEU B 341 15.70 4.52 -5.45
N LYS B 342 16.48 3.63 -4.83
CA LYS B 342 17.64 4.03 -4.06
C LYS B 342 18.86 3.30 -4.57
N ILE B 343 20.01 3.99 -4.54
CA ILE B 343 21.28 3.42 -4.93
C ILE B 343 22.12 3.28 -3.66
N TRP B 344 22.53 2.06 -3.35
CA TRP B 344 23.27 1.76 -2.13
C TRP B 344 24.71 1.43 -2.46
N ASN B 345 25.61 1.75 -1.53
CA ASN B 345 27.02 1.51 -1.73
C ASN B 345 27.75 1.33 -0.40
N ASN C 5 -10.00 -38.07 -19.93
CA ASN C 5 -9.15 -39.24 -19.79
C ASN C 5 -8.03 -39.23 -20.84
N THR C 6 -8.37 -38.79 -22.05
CA THR C 6 -7.38 -38.70 -23.12
C THR C 6 -6.30 -37.67 -22.79
N ALA C 7 -6.71 -36.52 -22.23
CA ALA C 7 -5.73 -35.52 -21.85
C ALA C 7 -4.90 -35.95 -20.64
N SER C 8 -5.46 -36.80 -19.78
CA SER C 8 -4.73 -37.25 -18.61
C SER C 8 -3.62 -38.21 -18.97
N ILE C 9 -3.91 -39.18 -19.86
CA ILE C 9 -2.87 -40.12 -20.26
C ILE C 9 -1.82 -39.46 -21.15
N ALA C 10 -2.22 -38.45 -21.93
CA ALA C 10 -1.26 -37.72 -22.76
C ALA C 10 -0.27 -36.95 -21.90
N GLN C 11 -0.75 -36.32 -20.82
CA GLN C 11 0.14 -35.60 -19.93
C GLN C 11 1.07 -36.55 -19.18
N ALA C 12 0.54 -37.72 -18.78
CA ALA C 12 1.35 -38.68 -18.03
C ALA C 12 2.42 -39.32 -18.91
N ARG C 13 2.14 -39.48 -20.21
CA ARG C 13 3.16 -40.03 -21.11
C ARG C 13 4.34 -39.08 -21.26
N LYS C 14 4.07 -37.77 -21.32
CA LYS C 14 5.16 -36.80 -21.44
C LYS C 14 5.91 -36.63 -20.12
N LEU C 15 5.23 -36.86 -18.99
CA LEU C 15 5.90 -36.79 -17.70
C LEU C 15 6.92 -37.92 -17.55
N VAL C 16 6.58 -39.12 -18.03
CA VAL C 16 7.51 -40.24 -17.96
C VAL C 16 8.72 -40.00 -18.84
N GLU C 17 8.50 -39.49 -20.06
CA GLU C 17 9.61 -39.25 -20.97
C GLU C 17 10.54 -38.15 -20.48
N GLN C 18 10.00 -37.13 -19.81
CA GLN C 18 10.83 -36.09 -19.23
C GLN C 18 11.67 -36.63 -18.09
N LEU C 19 11.10 -37.52 -17.26
CA LEU C 19 11.85 -38.09 -16.15
C LEU C 19 12.93 -39.05 -16.59
N LYS C 20 12.80 -39.64 -17.78
CA LYS C 20 13.83 -40.56 -18.26
C LYS C 20 15.10 -39.82 -18.65
N MET C 21 14.97 -38.68 -19.32
CA MET C 21 16.15 -37.92 -19.73
C MET C 21 16.77 -37.15 -18.57
N GLU C 22 16.02 -36.89 -17.50
CA GLU C 22 16.59 -36.25 -16.32
C GLU C 22 17.24 -37.24 -15.37
N ALA C 23 16.83 -38.51 -15.41
CA ALA C 23 17.46 -39.52 -14.57
C ALA C 23 18.81 -39.96 -15.10
N ASN C 24 19.00 -39.96 -16.41
CA ASN C 24 20.24 -40.44 -17.02
C ASN C 24 21.18 -39.29 -17.34
N ILE C 25 21.65 -38.62 -16.29
CA ILE C 25 22.68 -37.59 -16.40
C ILE C 25 23.78 -37.91 -15.41
N ASP C 26 24.95 -37.32 -15.65
CA ASP C 26 26.10 -37.53 -14.79
C ASP C 26 26.18 -36.40 -13.76
N ARG C 27 26.29 -36.78 -12.49
CA ARG C 27 26.36 -35.83 -11.39
C ARG C 27 27.68 -36.00 -10.66
N ILE C 28 28.22 -34.88 -10.17
CA ILE C 28 29.44 -34.88 -9.40
C ILE C 28 29.10 -34.83 -7.93
N LYS C 29 30.10 -35.09 -7.08
CA LYS C 29 29.91 -35.00 -5.64
C LYS C 29 29.67 -33.55 -5.22
N VAL C 30 28.91 -33.39 -4.14
CA VAL C 30 28.63 -32.05 -3.62
C VAL C 30 29.90 -31.39 -3.11
N SER C 31 30.80 -32.18 -2.52
CA SER C 31 32.07 -31.63 -2.05
C SER C 31 32.91 -31.07 -3.18
N LYS C 32 32.90 -31.75 -4.34
CA LYS C 32 33.60 -31.22 -5.50
C LYS C 32 32.95 -29.94 -6.02
N ALA C 33 31.62 -29.89 -6.03
CA ALA C 33 30.91 -28.69 -6.47
C ALA C 33 31.03 -27.56 -5.47
N ALA C 34 31.05 -27.87 -4.18
CA ALA C 34 31.19 -26.83 -3.16
C ALA C 34 32.58 -26.20 -3.20
N ALA C 35 33.61 -27.01 -3.47
CA ALA C 35 34.96 -26.48 -3.53
C ALA C 35 35.18 -25.58 -4.74
N ASP C 36 34.42 -25.81 -5.81
CA ASP C 36 34.55 -24.96 -7.00
C ASP C 36 33.93 -23.58 -6.78
N LEU C 37 32.77 -23.53 -6.13
CA LEU C 37 32.15 -22.26 -5.81
C LEU C 37 32.98 -21.47 -4.80
N MET C 38 33.58 -22.16 -3.84
CA MET C 38 34.42 -21.50 -2.85
C MET C 38 35.70 -20.97 -3.50
N ALA C 39 36.27 -21.71 -4.45
CA ALA C 39 37.47 -21.26 -5.13
C ALA C 39 37.21 -20.11 -6.08
N TYR C 40 35.96 -19.99 -6.57
CA TYR C 40 35.63 -18.87 -7.44
C TYR C 40 35.56 -17.57 -6.66
N CYS C 41 35.01 -17.61 -5.44
CA CYS C 41 34.84 -16.39 -4.66
C CYS C 41 36.17 -15.84 -4.17
N GLU C 42 37.11 -16.73 -3.81
CA GLU C 42 38.39 -16.26 -3.30
C GLU C 42 39.30 -15.75 -4.41
N ALA C 43 39.05 -16.14 -5.65
CA ALA C 43 39.83 -15.63 -6.78
C ALA C 43 39.30 -14.29 -7.29
N HIS C 44 38.14 -13.85 -6.82
CA HIS C 44 37.54 -12.59 -7.25
C HIS C 44 37.15 -11.71 -6.06
N ALA C 45 37.69 -12.00 -4.88
CA ALA C 45 37.34 -11.23 -3.69
C ALA C 45 37.84 -9.79 -3.78
N LYS C 46 39.04 -9.60 -4.32
CA LYS C 46 39.60 -8.25 -4.45
C LYS C 46 38.92 -7.43 -5.54
N GLU C 47 38.13 -8.06 -6.40
CA GLU C 47 37.43 -7.37 -7.48
C GLU C 47 35.99 -7.04 -7.14
N ASP C 48 35.58 -7.23 -5.89
CA ASP C 48 34.19 -7.00 -5.48
C ASP C 48 34.11 -5.74 -4.64
N PRO C 49 33.62 -4.62 -5.20
CA PRO C 49 33.55 -3.37 -4.42
C PRO C 49 32.61 -3.44 -3.22
N LEU C 50 31.53 -4.23 -3.30
CA LEU C 50 30.63 -4.34 -2.16
C LEU C 50 31.24 -5.16 -1.04
N LEU C 51 32.11 -6.11 -1.39
CA LEU C 51 32.79 -6.91 -0.37
C LEU C 51 34.00 -6.15 0.19
N THR C 52 34.88 -5.67 -0.67
CA THR C 52 36.00 -4.84 -0.26
C THR C 52 35.73 -3.40 -0.71
N PRO C 53 35.40 -2.49 0.19
CA PRO C 53 35.04 -1.13 -0.22
C PRO C 53 36.20 -0.41 -0.91
N VAL C 54 35.86 0.35 -1.95
CA VAL C 54 36.83 1.13 -2.71
C VAL C 54 37.04 2.48 -2.01
N PRO C 55 38.16 3.15 -2.23
CA PRO C 55 38.32 4.50 -1.67
C PRO C 55 37.30 5.47 -2.24
N ALA C 56 37.06 6.54 -1.48
CA ALA C 56 36.02 7.51 -1.86
C ALA C 56 36.37 8.21 -3.17
N SER C 57 37.66 8.33 -3.49
CA SER C 57 38.05 8.92 -4.77
C SER C 57 37.76 7.99 -5.95
N GLU C 58 37.65 6.68 -5.71
CA GLU C 58 37.34 5.72 -6.74
C GLU C 58 35.85 5.40 -6.82
N ASN C 59 35.04 5.96 -5.93
CA ASN C 59 33.60 5.67 -5.91
C ASN C 59 32.86 6.71 -6.72
N PRO C 60 32.19 6.33 -7.81
CA PRO C 60 31.45 7.33 -8.60
C PRO C 60 30.18 7.83 -7.92
N PHE C 61 29.71 7.17 -6.86
CA PHE C 61 28.49 7.56 -6.17
C PHE C 61 28.76 8.31 -4.87
N ARG C 62 30.01 8.63 -4.57
CA ARG C 62 30.37 9.36 -3.36
C ARG C 62 30.61 10.82 -3.70
N GLU C 63 29.80 11.71 -3.11
CA GLU C 63 29.90 13.13 -3.39
C GLU C 63 30.30 13.90 -2.14
N GLN D 2 10.00 -31.20 -2.37
CA GLN D 2 8.95 -31.86 -3.16
C GLN D 2 7.67 -31.97 -2.35
N VAL D 3 6.69 -31.13 -2.68
CA VAL D 3 5.41 -31.12 -1.97
C VAL D 3 4.56 -32.26 -2.49
N GLN D 4 4.13 -33.14 -1.58
CA GLN D 4 3.32 -34.30 -1.94
C GLN D 4 2.15 -34.45 -0.98
N LEU D 5 0.98 -34.72 -1.54
CA LEU D 5 -0.23 -35.02 -0.77
C LEU D 5 -0.82 -36.31 -1.31
N GLN D 6 -1.08 -37.27 -0.41
CA GLN D 6 -1.61 -38.56 -0.80
C GLN D 6 -2.87 -38.84 0.00
N GLU D 7 -3.97 -39.09 -0.71
CA GLU D 7 -5.26 -39.36 -0.08
C GLU D 7 -5.56 -40.85 -0.06
N SER D 8 -6.33 -41.28 0.93
CA SER D 8 -6.74 -42.67 1.04
C SER D 8 -8.01 -42.73 1.87
N GLY D 9 -8.67 -43.89 1.82
CA GLY D 9 -9.84 -44.16 2.63
C GLY D 9 -11.14 -44.26 1.87
N GLY D 10 -11.19 -43.87 0.60
CA GLY D 10 -12.41 -43.92 -0.16
C GLY D 10 -12.82 -45.33 -0.52
N GLY D 11 -14.04 -45.46 -1.01
CA GLY D 11 -14.54 -46.75 -1.43
C GLY D 11 -16.04 -46.70 -1.66
N LEU D 12 -16.59 -47.88 -1.91
CA LEU D 12 -18.03 -48.03 -2.09
C LEU D 12 -18.71 -48.18 -0.74
N VAL D 13 -19.74 -47.38 -0.51
CA VAL D 13 -20.44 -47.34 0.78
C VAL D 13 -21.93 -47.18 0.52
N GLN D 14 -22.74 -47.92 1.28
CA GLN D 14 -24.18 -47.82 1.18
C GLN D 14 -24.65 -46.46 1.70
N PRO D 15 -25.82 -45.98 1.26
CA PRO D 15 -26.35 -44.72 1.78
C PRO D 15 -26.60 -44.81 3.28
N GLY D 16 -26.28 -43.74 3.99
CA GLY D 16 -26.32 -43.73 5.43
C GLY D 16 -25.10 -44.31 6.10
N GLY D 17 -24.11 -44.77 5.34
CA GLY D 17 -22.90 -45.33 5.89
C GLY D 17 -21.90 -44.26 6.27
N SER D 18 -20.69 -44.70 6.57
CA SER D 18 -19.64 -43.81 7.05
C SER D 18 -18.32 -44.13 6.38
N LEU D 19 -17.50 -43.10 6.20
CA LEU D 19 -16.14 -43.24 5.68
C LEU D 19 -15.23 -42.26 6.40
N ARG D 20 -13.95 -42.61 6.47
CA ARG D 20 -12.94 -41.72 7.02
C ARG D 20 -11.81 -41.59 6.01
N LEU D 21 -11.53 -40.35 5.60
CA LEU D 21 -10.50 -40.06 4.63
C LEU D 21 -9.25 -39.54 5.33
N SER D 22 -8.09 -39.86 4.77
CA SER D 22 -6.80 -39.46 5.32
C SER D 22 -5.98 -38.78 4.23
N CYS D 23 -5.10 -37.87 4.65
CA CYS D 23 -4.25 -37.13 3.74
C CYS D 23 -2.86 -37.04 4.37
N ALA D 24 -1.94 -37.86 3.89
CA ALA D 24 -0.56 -37.84 4.37
C ALA D 24 0.24 -36.78 3.61
N ALA D 25 0.85 -35.86 4.33
CA ALA D 25 1.55 -34.73 3.75
C ALA D 25 3.05 -34.86 3.97
N SER D 26 3.82 -34.38 3.00
CA SER D 26 5.27 -34.35 3.09
C SER D 26 5.79 -33.24 2.19
N GLY D 27 7.03 -32.83 2.47
CA GLY D 27 7.69 -31.81 1.67
C GLY D 27 7.47 -30.39 2.11
N PHE D 28 6.77 -30.16 3.22
CA PHE D 28 6.55 -28.81 3.72
C PHE D 28 6.24 -28.90 5.21
N THR D 29 6.33 -27.76 5.88
CA THR D 29 5.99 -27.69 7.30
C THR D 29 4.48 -27.66 7.43
N PHE D 30 3.92 -28.76 7.93
CA PHE D 30 2.46 -28.95 7.91
C PHE D 30 1.74 -27.99 8.85
N SER D 31 2.41 -27.54 9.91
CA SER D 31 1.76 -26.71 10.92
C SER D 31 1.67 -25.24 10.53
N ASN D 32 2.29 -24.82 9.43
CA ASN D 32 2.27 -23.43 9.01
C ASN D 32 1.16 -23.11 8.02
N TYR D 33 0.35 -24.10 7.62
CA TYR D 33 -0.59 -23.93 6.53
C TYR D 33 -2.01 -24.30 6.98
N LYS D 34 -2.98 -23.61 6.39
CA LYS D 34 -4.37 -24.03 6.47
C LYS D 34 -4.65 -25.07 5.40
N MET D 35 -5.38 -26.12 5.78
CA MET D 35 -5.68 -27.24 4.89
C MET D 35 -7.14 -27.20 4.47
N ASN D 36 -7.42 -27.81 3.32
CA ASN D 36 -8.76 -27.83 2.75
C ASN D 36 -9.10 -29.22 2.24
N TRP D 37 -10.39 -29.51 2.18
CA TRP D 37 -10.92 -30.63 1.41
C TRP D 37 -11.78 -30.08 0.28
N VAL D 38 -11.56 -30.56 -0.94
CA VAL D 38 -12.38 -30.21 -2.08
C VAL D 38 -12.77 -31.50 -2.79
N ARG D 39 -13.80 -31.40 -3.63
CA ARG D 39 -14.31 -32.57 -4.33
C ARG D 39 -14.75 -32.19 -5.73
N GLN D 40 -14.85 -33.20 -6.59
CA GLN D 40 -15.34 -33.03 -7.96
C GLN D 40 -16.36 -34.10 -8.25
N ALA D 41 -17.60 -33.69 -8.46
CA ALA D 41 -18.67 -34.60 -8.85
C ALA D 41 -18.44 -35.08 -10.29
N PRO D 42 -19.01 -36.22 -10.66
CA PRO D 42 -18.77 -36.75 -12.02
C PRO D 42 -19.21 -35.84 -13.15
N GLY D 43 -20.14 -34.93 -12.91
CA GLY D 43 -20.57 -34.01 -13.96
C GLY D 43 -20.12 -32.57 -13.74
N LYS D 44 -20.07 -32.15 -12.48
CA LYS D 44 -19.80 -30.75 -12.15
C LYS D 44 -18.29 -30.51 -12.03
N GLY D 45 -17.92 -29.32 -11.59
CA GLY D 45 -16.53 -28.96 -11.40
C GLY D 45 -16.08 -29.10 -9.96
N LEU D 46 -14.89 -28.56 -9.70
CA LEU D 46 -14.29 -28.65 -8.37
C LEU D 46 -15.04 -27.75 -7.39
N GLU D 47 -15.37 -28.30 -6.23
CA GLU D 47 -16.18 -27.61 -5.22
C GLU D 47 -15.50 -27.70 -3.87
N TRP D 48 -15.41 -26.57 -3.18
CA TRP D 48 -14.85 -26.53 -1.84
C TRP D 48 -15.79 -27.21 -0.84
N VAL D 49 -15.20 -27.94 0.12
CA VAL D 49 -15.99 -28.71 1.08
C VAL D 49 -15.77 -28.19 2.50
N SER D 50 -14.52 -28.18 2.96
CA SER D 50 -14.22 -27.80 4.33
C SER D 50 -12.79 -27.31 4.41
N ASP D 51 -12.47 -26.63 5.51
CA ASP D 51 -11.10 -26.19 5.76
C ASP D 51 -10.86 -26.08 7.26
N ILE D 52 -9.58 -26.11 7.64
CA ILE D 52 -9.16 -26.06 9.03
C ILE D 52 -7.88 -25.24 9.12
N SER D 53 -7.73 -24.48 10.20
CA SER D 53 -6.65 -23.51 10.33
C SER D 53 -5.35 -24.21 10.72
N GLN D 54 -4.31 -23.40 11.01
CA GLN D 54 -2.99 -23.95 11.29
C GLN D 54 -2.96 -24.78 12.56
N SER D 55 -3.68 -24.36 13.59
CA SER D 55 -3.73 -25.08 14.87
C SER D 55 -5.08 -25.71 15.11
N GLY D 56 -5.89 -25.90 14.07
CA GLY D 56 -7.27 -26.26 14.32
C GLY D 56 -8.01 -25.05 14.86
N ALA D 57 -9.08 -25.34 15.61
CA ALA D 57 -9.86 -24.36 16.36
C ALA D 57 -10.51 -23.29 15.49
N SER D 58 -10.49 -23.47 14.16
CA SER D 58 -11.16 -22.55 13.24
C SER D 58 -11.60 -23.40 12.04
N ILE D 59 -12.84 -23.86 12.10
CA ILE D 59 -13.36 -24.88 11.19
C ILE D 59 -14.61 -24.34 10.50
N SER D 60 -14.67 -24.47 9.18
CA SER D 60 -15.84 -24.11 8.41
C SER D 60 -16.18 -25.23 7.43
N TYR D 61 -17.47 -25.34 7.11
CA TYR D 61 -17.97 -26.32 6.17
C TYR D 61 -18.85 -25.63 5.13
N THR D 62 -18.97 -26.26 3.98
CA THR D 62 -20.03 -25.88 3.06
C THR D 62 -21.38 -26.36 3.61
N GLY D 63 -22.45 -25.71 3.15
CA GLY D 63 -23.74 -25.89 3.78
C GLY D 63 -24.32 -27.28 3.65
N SER D 64 -24.06 -27.97 2.54
CA SER D 64 -24.67 -29.26 2.30
C SER D 64 -24.08 -30.37 3.17
N VAL D 65 -22.96 -30.14 3.85
CA VAL D 65 -22.31 -31.17 4.65
C VAL D 65 -22.24 -30.81 6.13
N LYS D 66 -22.82 -29.68 6.54
CA LYS D 66 -22.78 -29.28 7.95
C LYS D 66 -23.57 -30.25 8.80
N GLY D 67 -22.96 -30.71 9.89
CA GLY D 67 -23.57 -31.68 10.77
C GLY D 67 -23.35 -33.12 10.38
N ARG D 68 -22.76 -33.38 9.22
CA ARG D 68 -22.48 -34.73 8.78
C ARG D 68 -20.99 -35.01 8.58
N PHE D 69 -20.22 -34.02 8.14
CA PHE D 69 -18.78 -34.18 7.97
C PHE D 69 -18.04 -33.53 9.12
N THR D 70 -16.88 -34.09 9.46
CA THR D 70 -16.02 -33.55 10.50
C THR D 70 -14.58 -33.57 10.00
N ILE D 71 -13.95 -32.40 9.94
CA ILE D 71 -12.57 -32.29 9.51
C ILE D 71 -11.68 -32.22 10.75
N SER D 72 -10.53 -32.91 10.68
CA SER D 72 -9.64 -33.01 11.83
C SER D 72 -8.20 -32.87 11.34
N ARG D 73 -7.32 -32.51 12.26
CA ARG D 73 -5.92 -32.23 11.96
C ARG D 73 -5.03 -32.96 12.95
N ASP D 74 -3.85 -33.37 12.48
CA ASP D 74 -2.84 -34.00 13.34
C ASP D 74 -1.48 -33.48 12.89
N ASN D 75 -1.00 -32.43 13.57
CA ASN D 75 0.27 -31.82 13.20
C ASN D 75 1.46 -32.67 13.57
N ALA D 76 1.34 -33.55 14.57
CA ALA D 76 2.43 -34.44 14.93
C ALA D 76 2.71 -35.45 13.83
N LYS D 77 1.67 -35.99 13.21
CA LYS D 77 1.80 -37.00 12.17
C LYS D 77 1.67 -36.44 10.77
N ASN D 78 1.41 -35.13 10.62
CA ASN D 78 1.20 -34.48 9.33
C ASN D 78 0.08 -35.14 8.53
N THR D 79 -1.07 -35.35 9.18
CA THR D 79 -2.21 -36.02 8.57
C THR D 79 -3.45 -35.13 8.68
N LEU D 80 -4.23 -35.11 7.61
CA LEU D 80 -5.52 -34.44 7.58
C LEU D 80 -6.62 -35.49 7.48
N TYR D 81 -7.70 -35.30 8.24
CA TYR D 81 -8.79 -36.25 8.29
C TYR D 81 -10.09 -35.60 7.87
N LEU D 82 -11.01 -36.43 7.39
CA LEU D 82 -12.39 -36.01 7.12
C LEU D 82 -13.29 -37.20 7.46
N GLN D 83 -13.96 -37.11 8.60
CA GLN D 83 -14.92 -38.14 8.99
C GLN D 83 -16.26 -37.84 8.36
N MET D 84 -16.81 -38.83 7.65
CA MET D 84 -18.07 -38.69 6.95
C MET D 84 -19.13 -39.54 7.62
N ASN D 85 -20.26 -38.93 7.97
CA ASN D 85 -21.39 -39.65 8.55
C ASN D 85 -22.64 -39.33 7.75
N SER D 86 -23.55 -40.31 7.68
CA SER D 86 -24.84 -40.18 6.99
C SER D 86 -24.65 -39.77 5.54
N LEU D 87 -23.98 -40.65 4.79
CA LEU D 87 -23.63 -40.35 3.41
C LEU D 87 -24.84 -40.46 2.50
N LYS D 88 -24.92 -39.54 1.54
CA LYS D 88 -25.98 -39.43 0.55
C LYS D 88 -25.43 -39.79 -0.82
N PRO D 89 -26.30 -40.19 -1.76
CA PRO D 89 -25.85 -40.41 -3.14
C PRO D 89 -25.31 -39.14 -3.79
N GLU D 90 -25.66 -37.96 -3.30
CA GLU D 90 -25.11 -36.71 -3.80
C GLU D 90 -23.66 -36.49 -3.39
N ASP D 91 -23.13 -37.30 -2.46
CA ASP D 91 -21.76 -37.16 -2.01
C ASP D 91 -20.77 -37.93 -2.87
N THR D 92 -21.23 -38.60 -3.92
CA THR D 92 -20.35 -39.33 -4.83
C THR D 92 -19.47 -38.34 -5.58
N ALA D 93 -18.16 -38.39 -5.32
CA ALA D 93 -17.22 -37.45 -5.93
C ALA D 93 -15.82 -38.01 -5.77
N VAL D 94 -14.85 -37.29 -6.34
CA VAL D 94 -13.44 -37.52 -6.09
C VAL D 94 -12.98 -36.44 -5.13
N TYR D 95 -12.61 -36.82 -3.92
CA TYR D 95 -12.26 -35.87 -2.87
C TYR D 95 -10.75 -35.63 -2.88
N TYR D 96 -10.37 -34.36 -2.92
CA TYR D 96 -8.97 -33.96 -2.97
C TYR D 96 -8.56 -33.26 -1.68
N CYS D 97 -7.28 -33.40 -1.34
CA CYS D 97 -6.67 -32.72 -0.22
C CYS D 97 -5.90 -31.52 -0.76
N ALA D 98 -6.30 -30.32 -0.34
CA ALA D 98 -5.73 -29.09 -0.88
C ALA D 98 -5.03 -28.31 0.21
N ARG D 99 -3.92 -27.67 -0.15
CA ARG D 99 -3.14 -26.85 0.76
C ARG D 99 -3.18 -25.41 0.27
N CYS D 100 -3.24 -24.47 1.21
CA CYS D 100 -3.22 -23.06 0.85
C CYS D 100 -1.84 -22.68 0.31
N PRO D 101 -1.78 -21.73 -0.62
CA PRO D 101 -0.51 -21.46 -1.34
C PRO D 101 0.63 -21.00 -0.46
N ALA D 102 0.36 -20.20 0.57
CA ALA D 102 1.41 -19.57 1.35
C ALA D 102 1.21 -19.81 2.83
N PRO D 103 2.29 -19.85 3.60
CA PRO D 103 2.16 -20.02 5.05
C PRO D 103 1.87 -18.70 5.76
N PHE D 104 1.31 -18.84 6.97
CA PHE D 104 0.99 -17.71 7.85
C PHE D 104 0.06 -16.71 7.18
N THR D 105 -0.89 -17.20 6.39
CA THR D 105 -1.81 -16.34 5.66
C THR D 105 -3.24 -16.65 6.07
N ARG D 106 -4.04 -15.58 6.17
CA ARG D 106 -5.46 -15.71 6.48
C ARG D 106 -6.27 -16.18 5.27
N ASP D 107 -5.83 -15.81 4.06
CA ASP D 107 -6.58 -16.07 2.83
C ASP D 107 -6.00 -17.24 2.06
N CYS D 108 -6.88 -17.92 1.32
CA CYS D 108 -6.48 -19.00 0.41
C CYS D 108 -7.22 -18.81 -0.90
N PHE D 109 -6.48 -18.69 -1.99
CA PHE D 109 -7.04 -18.18 -3.24
C PHE D 109 -7.50 -19.25 -4.22
N ASP D 110 -6.59 -20.14 -4.65
CA ASP D 110 -6.83 -20.94 -5.85
C ASP D 110 -6.90 -22.44 -5.55
N VAL D 111 -7.43 -22.82 -4.39
CA VAL D 111 -7.47 -24.24 -4.04
C VAL D 111 -8.47 -25.02 -4.87
N THR D 112 -9.48 -24.36 -5.44
CA THR D 112 -10.47 -25.03 -6.29
C THR D 112 -10.21 -24.82 -7.77
N SER D 113 -9.11 -24.18 -8.13
CA SER D 113 -8.78 -23.99 -9.54
C SER D 113 -8.33 -25.30 -10.18
N THR D 114 -8.66 -25.45 -11.46
CA THR D 114 -8.13 -26.56 -12.23
C THR D 114 -6.62 -26.39 -12.41
N THR D 115 -5.89 -27.50 -12.32
CA THR D 115 -4.43 -27.51 -12.35
C THR D 115 -3.84 -26.61 -11.28
N TYR D 116 -4.11 -26.95 -10.02
CA TYR D 116 -3.53 -26.30 -8.86
C TYR D 116 -2.41 -27.19 -8.32
N ALA D 117 -1.26 -26.58 -8.04
CA ALA D 117 -0.04 -27.36 -7.80
C ALA D 117 -0.04 -28.07 -6.46
N TYR D 118 -0.66 -27.48 -5.44
CA TYR D 118 -0.54 -27.96 -4.06
C TYR D 118 -1.74 -28.82 -3.66
N ARG D 119 -2.22 -29.63 -4.59
CA ARG D 119 -3.36 -30.51 -4.37
C ARG D 119 -2.95 -31.93 -4.73
N GLY D 120 -3.56 -32.91 -4.05
CA GLY D 120 -3.26 -34.30 -4.29
C GLY D 120 -4.03 -34.89 -5.46
N GLN D 121 -3.84 -36.19 -5.67
CA GLN D 121 -4.49 -36.90 -6.77
C GLN D 121 -5.93 -37.30 -6.46
N GLY D 122 -6.31 -37.34 -5.20
CA GLY D 122 -7.68 -37.60 -4.82
C GLY D 122 -8.02 -39.07 -4.69
N THR D 123 -9.15 -39.34 -4.04
CA THR D 123 -9.69 -40.68 -3.89
C THR D 123 -11.17 -40.68 -4.25
N GLN D 124 -11.61 -41.79 -4.83
CA GLN D 124 -12.97 -41.93 -5.32
C GLN D 124 -13.90 -42.41 -4.21
N VAL D 125 -14.98 -41.67 -3.98
CA VAL D 125 -16.01 -42.03 -3.03
C VAL D 125 -17.30 -42.24 -3.82
N THR D 126 -17.89 -43.42 -3.69
CA THR D 126 -19.11 -43.78 -4.40
C THR D 126 -20.16 -44.23 -3.39
N VAL D 127 -21.30 -43.55 -3.39
CA VAL D 127 -22.42 -43.88 -2.50
C VAL D 127 -23.56 -44.37 -3.37
N SER D 128 -23.92 -45.65 -3.21
CA SER D 128 -24.99 -46.24 -4.00
C SER D 128 -25.54 -47.45 -3.26
N SER D 129 -26.84 -47.66 -3.41
CA SER D 129 -27.52 -48.78 -2.77
C SER D 129 -27.68 -49.95 -3.74
N SER E 29 -9.06 65.37 31.34
CA SER E 29 -8.59 64.06 31.75
C SER E 29 -8.48 63.11 30.55
N PRO E 30 -7.25 62.74 30.20
CA PRO E 30 -7.06 61.78 29.10
C PRO E 30 -7.62 60.42 29.45
N PHE E 31 -8.08 59.71 28.41
CA PHE E 31 -8.70 58.40 28.61
C PHE E 31 -7.69 57.38 29.13
N TYR E 32 -6.49 57.35 28.55
CA TYR E 32 -5.47 56.38 28.94
C TYR E 32 -4.59 57.01 30.00
N ARG E 33 -4.74 56.56 31.25
CA ARG E 33 -3.97 57.11 32.35
C ARG E 33 -2.50 56.71 32.25
N CYS E 34 -2.25 55.43 32.02
CA CYS E 34 -0.92 54.86 32.12
C CYS E 34 -0.12 54.95 30.82
N GLN E 35 -0.47 55.89 29.93
CA GLN E 35 0.26 56.03 28.68
C GLN E 35 1.62 56.70 28.87
N ASN E 36 1.82 57.40 29.98
CA ASN E 36 3.12 58.00 30.29
C ASN E 36 3.67 57.58 31.64
N THR E 37 3.01 56.67 32.35
CA THR E 37 3.45 56.29 33.67
C THR E 37 4.75 55.48 33.60
N THR E 38 5.47 55.44 34.72
CA THR E 38 6.77 54.80 34.78
C THR E 38 6.82 53.71 35.85
N SER E 39 5.68 53.18 36.26
CA SER E 39 5.66 52.16 37.30
C SER E 39 4.36 51.38 37.21
N VAL E 40 4.33 50.22 37.83
CA VAL E 40 3.14 49.37 37.86
C VAL E 40 2.21 49.89 38.94
N GLU E 41 0.94 50.08 38.59
CA GLU E 41 -0.04 50.62 39.53
C GLU E 41 -0.26 49.65 40.68
N LYS E 42 -0.48 50.21 41.87
CA LYS E 42 -0.71 49.40 43.05
C LYS E 42 -2.01 48.62 42.93
N GLY E 43 -1.99 47.37 43.39
CA GLY E 43 -3.14 46.50 43.31
C GLY E 43 -3.12 45.51 42.16
N ASN E 44 -1.96 45.21 41.60
CA ASN E 44 -1.83 44.24 40.53
C ASN E 44 -0.68 43.30 40.83
N SER E 45 -0.83 42.04 40.42
CA SER E 45 0.20 41.02 40.62
C SER E 45 0.32 40.16 39.37
N ALA E 46 1.48 39.52 39.25
CA ALA E 46 1.81 38.72 38.07
C ALA E 46 1.24 37.32 38.10
N VAL E 47 0.38 37.01 39.07
CA VAL E 47 -0.15 35.65 39.20
C VAL E 47 -0.99 35.28 37.99
N MET E 48 -1.89 36.19 37.59
CA MET E 48 -2.74 35.91 36.43
C MET E 48 -1.91 35.89 35.13
N GLY E 49 -0.97 36.81 34.99
CA GLY E 49 -0.11 36.81 33.83
C GLY E 49 0.99 35.77 33.84
N GLY E 50 1.18 35.10 34.98
CA GLY E 50 2.17 34.05 35.08
C GLY E 50 1.57 32.67 34.92
N VAL E 51 0.30 32.53 35.32
CA VAL E 51 -0.41 31.27 35.14
C VAL E 51 -0.66 31.01 33.66
N LEU E 52 -1.02 32.06 32.91
CA LEU E 52 -1.29 31.91 31.48
C LEU E 52 -0.05 31.46 30.73
N PHE E 53 1.12 31.98 31.09
CA PHE E 53 2.36 31.56 30.46
C PHE E 53 2.79 30.18 30.94
N SER E 54 2.66 29.90 32.24
CA SER E 54 3.10 28.63 32.79
C SER E 54 2.30 27.47 32.20
N THR E 55 0.98 27.61 32.13
CA THR E 55 0.16 26.56 31.53
C THR E 55 0.36 26.48 30.02
N GLY E 56 0.57 27.62 29.37
CA GLY E 56 0.76 27.61 27.93
C GLY E 56 2.12 27.12 27.50
N LEU E 57 3.12 27.23 28.37
CA LEU E 57 4.45 26.72 28.03
C LEU E 57 4.50 25.20 28.11
N LEU E 58 3.91 24.62 29.16
CA LEU E 58 3.95 23.17 29.33
C LEU E 58 3.06 22.46 28.31
N GLY E 59 1.93 23.07 27.94
CA GLY E 59 1.08 22.47 26.92
C GLY E 59 1.72 22.44 25.55
N ASN E 60 2.34 23.55 25.14
CA ASN E 60 2.91 23.62 23.80
C ASN E 60 4.23 22.88 23.68
N LEU E 61 5.00 22.81 24.77
CA LEU E 61 6.22 22.00 24.74
C LEU E 61 5.90 20.52 24.61
N LEU E 62 4.88 20.06 25.34
CA LEU E 62 4.47 18.66 25.26
C LEU E 62 3.95 18.32 23.87
N ALA E 63 3.21 19.24 23.25
CA ALA E 63 2.68 19.01 21.91
C ALA E 63 3.80 18.93 20.88
N LEU E 64 4.80 19.82 20.98
CA LEU E 64 5.94 19.74 20.07
C LEU E 64 6.79 18.51 20.35
N GLY E 65 6.82 18.05 21.61
CA GLY E 65 7.50 16.80 21.91
C GLY E 65 6.85 15.61 21.24
N LEU E 66 5.52 15.62 21.12
CA LEU E 66 4.81 14.54 20.44
C LEU E 66 4.95 14.64 18.92
N LEU E 67 4.95 15.85 18.38
CA LEU E 67 5.12 16.02 16.94
C LEU E 67 6.49 15.57 16.48
N ALA E 68 7.51 15.72 17.32
CA ALA E 68 8.85 15.28 16.97
C ALA E 68 8.93 13.75 16.92
N ARG E 69 8.22 13.08 17.82
CA ARG E 69 8.27 11.62 17.87
C ARG E 69 7.63 11.00 16.64
N SER E 70 6.56 11.60 16.12
CA SER E 70 5.82 11.01 15.01
C SER E 70 6.37 11.42 13.66
N GLY E 71 6.52 12.73 13.41
CA GLY E 71 6.98 13.18 12.11
C GLY E 71 8.41 12.80 11.82
N LEU E 72 9.30 12.94 12.80
CA LEU E 72 10.70 12.62 12.61
C LEU E 72 11.04 11.17 12.97
N GLY E 73 10.11 10.44 13.56
CA GLY E 73 10.34 9.04 13.91
C GLY E 73 11.41 8.81 14.95
N TRP E 74 11.42 9.60 16.01
CA TRP E 74 12.40 9.44 17.08
C TRP E 74 12.08 8.22 17.93
N PRO E 84 4.04 13.00 5.73
CA PRO E 84 3.19 14.00 6.41
C PRO E 84 2.04 14.47 5.54
N SER E 85 0.93 14.84 6.18
CA SER E 85 -0.26 15.30 5.49
C SER E 85 -0.30 16.83 5.50
N VAL E 86 -1.33 17.38 4.86
CA VAL E 86 -1.53 18.82 4.88
C VAL E 86 -1.92 19.28 6.29
N PHE E 87 -2.72 18.48 6.99
CA PHE E 87 -3.08 18.81 8.36
C PHE E 87 -1.88 18.79 9.29
N TYR E 88 -0.91 17.91 9.03
CA TYR E 88 0.32 17.90 9.82
C TYR E 88 1.11 19.19 9.62
N MET E 89 1.16 19.70 8.39
CA MET E 89 1.87 20.94 8.12
C MET E 89 1.16 22.13 8.76
N LEU E 90 -0.17 22.14 8.73
CA LEU E 90 -0.91 23.26 9.32
C LEU E 90 -0.80 23.28 10.83
N VAL E 91 -0.82 22.11 11.46
CA VAL E 91 -0.76 22.03 12.92
C VAL E 91 0.62 22.46 13.43
N CYS E 92 1.68 22.09 12.72
CA CYS E 92 3.02 22.49 13.12
C CYS E 92 3.18 24.00 13.06
N GLY E 93 2.65 24.63 12.01
CA GLY E 93 2.72 26.08 11.92
C GLY E 93 1.93 26.80 13.00
N LEU E 94 0.80 26.22 13.41
CA LEU E 94 0.01 26.81 14.49
C LEU E 94 0.71 26.66 15.83
N THR E 95 1.33 25.52 16.08
CA THR E 95 2.00 25.28 17.37
C THR E 95 3.26 26.12 17.49
N VAL E 96 3.98 26.31 16.39
CA VAL E 96 5.16 27.17 16.41
C VAL E 96 4.78 28.61 16.71
N THR E 97 3.70 29.10 16.10
CA THR E 97 3.23 30.46 16.37
C THR E 97 2.79 30.62 17.81
N ASP E 98 2.10 29.61 18.36
CA ASP E 98 1.63 29.69 19.74
C ASP E 98 2.78 29.65 20.74
N LEU E 99 3.83 28.89 20.43
CA LEU E 99 4.99 28.85 21.32
C LEU E 99 5.82 30.12 21.21
N LEU E 100 5.97 30.65 20.00
CA LEU E 100 6.75 31.87 19.82
C LEU E 100 6.06 33.07 20.46
N GLY E 101 4.73 33.12 20.40
CA GLY E 101 4.02 34.24 20.99
C GLY E 101 4.16 34.31 22.50
N LYS E 102 4.11 33.16 23.17
CA LYS E 102 4.17 33.15 24.62
C LYS E 102 5.59 33.42 25.12
N CYS E 103 6.59 32.83 24.48
CA CYS E 103 7.97 33.00 24.93
C CYS E 103 8.52 34.38 24.62
N LEU E 104 7.88 35.14 23.72
CA LEU E 104 8.36 36.46 23.34
C LEU E 104 7.69 37.60 24.10
N LEU E 105 6.43 37.42 24.50
CA LEU E 105 5.68 38.46 25.19
C LEU E 105 5.66 38.30 26.71
N SER E 106 5.54 37.06 27.19
CA SER E 106 5.36 36.82 28.62
C SER E 106 6.55 37.25 29.48
N PRO E 107 7.82 36.95 29.14
CA PRO E 107 8.91 37.43 30.00
C PRO E 107 8.99 38.94 30.13
N VAL E 108 8.56 39.69 29.11
CA VAL E 108 8.53 41.14 29.21
C VAL E 108 7.49 41.59 30.24
N VAL E 109 6.33 40.94 30.24
CA VAL E 109 5.29 41.27 31.23
C VAL E 109 5.74 40.89 32.63
N LEU E 110 6.33 39.70 32.79
CA LEU E 110 6.77 39.26 34.10
C LEU E 110 7.95 40.07 34.61
N ALA E 111 8.78 40.60 33.71
CA ALA E 111 9.87 41.47 34.13
C ALA E 111 9.36 42.79 34.68
N ALA E 112 8.26 43.29 34.14
CA ALA E 112 7.69 44.54 34.63
C ALA E 112 7.18 44.39 36.06
N TYR E 113 6.50 43.29 36.37
CA TYR E 113 6.01 43.07 37.72
C TYR E 113 7.15 42.87 38.70
N ALA E 114 8.23 42.20 38.27
CA ALA E 114 9.34 41.92 39.17
C ALA E 114 10.14 43.18 39.47
N GLN E 115 10.35 44.03 38.47
CA GLN E 115 11.18 45.22 38.62
C GLN E 115 10.40 46.46 39.03
N ASN E 116 9.06 46.38 39.08
CA ASN E 116 8.19 47.53 39.39
C ASN E 116 8.46 48.70 38.45
N ARG E 117 8.62 48.40 37.16
CA ARG E 117 8.78 49.42 36.14
C ARG E 117 7.82 49.12 34.99
N SER E 118 7.18 50.15 34.47
CA SER E 118 6.22 49.98 33.39
C SER E 118 6.95 49.61 32.10
N LEU E 119 6.16 49.33 31.06
CA LEU E 119 6.72 48.78 29.84
C LEU E 119 7.56 49.78 29.06
N ARG E 120 7.38 51.07 29.30
CA ARG E 120 8.14 52.08 28.57
C ARG E 120 9.36 52.58 29.33
N VAL E 121 9.62 52.07 30.53
CA VAL E 121 10.86 52.35 31.23
C VAL E 121 11.47 51.04 31.71
N LEU E 122 11.09 49.94 31.07
CA LEU E 122 11.66 48.64 31.41
C LEU E 122 13.10 48.53 30.92
N ALA E 123 13.36 48.95 29.69
CA ALA E 123 14.70 48.94 29.12
C ALA E 123 15.07 50.37 28.75
N PRO E 124 15.75 51.11 29.63
CA PRO E 124 16.07 52.52 29.33
C PRO E 124 16.92 52.70 28.09
N ALA E 125 17.78 51.74 27.76
CA ALA E 125 18.52 51.81 26.51
C ALA E 125 17.61 51.64 25.30
N LEU E 126 16.43 51.05 25.48
CA LEU E 126 15.48 50.82 24.40
C LEU E 126 14.29 51.78 24.44
N ASP E 127 14.21 52.63 25.46
CA ASP E 127 13.14 53.61 25.72
C ASP E 127 11.74 53.08 25.40
N ASN E 128 10.91 53.90 24.78
CA ASN E 128 9.52 53.53 24.51
C ASN E 128 9.36 52.68 23.27
N SER E 129 10.44 52.36 22.56
CA SER E 129 10.36 51.45 21.43
C SER E 129 10.00 50.03 21.86
N LEU E 130 10.22 49.69 23.12
CA LEU E 130 9.79 48.39 23.62
C LEU E 130 8.27 48.28 23.65
N CYS E 131 7.58 49.37 24.00
CA CYS E 131 6.12 49.35 24.03
C CYS E 131 5.54 49.30 22.62
N GLN E 132 6.14 50.03 21.67
CA GLN E 132 5.66 50.00 20.30
C GLN E 132 5.84 48.62 19.68
N ALA E 133 6.97 47.97 19.94
CA ALA E 133 7.20 46.63 19.42
C ALA E 133 6.34 45.60 20.13
N PHE E 134 6.07 45.80 21.43
CA PHE E 134 5.17 44.90 22.14
C PHE E 134 3.77 44.96 21.57
N ALA E 135 3.27 46.16 21.28
CA ALA E 135 1.94 46.29 20.72
C ALA E 135 1.86 45.72 19.31
N PHE E 136 2.93 45.90 18.52
CA PHE E 136 2.96 45.36 17.16
C PHE E 136 2.94 43.84 17.16
N PHE E 137 3.72 43.22 18.04
CA PHE E 137 3.78 41.75 18.05
C PHE E 137 2.52 41.15 18.66
N MET E 138 1.92 41.82 19.64
CA MET E 138 0.68 41.32 20.23
C MET E 138 -0.45 41.32 19.21
N SER E 139 -0.51 42.35 18.37
CA SER E 139 -1.52 42.38 17.32
C SER E 139 -1.16 41.43 16.17
N PHE E 140 0.13 41.19 15.95
CA PHE E 140 0.54 40.26 14.90
C PHE E 140 0.16 38.82 15.25
N PHE E 141 0.40 38.41 16.50
CA PHE E 141 0.10 37.04 16.88
C PHE E 141 -1.40 36.80 16.97
N GLY E 142 -2.18 37.82 17.29
CA GLY E 142 -3.63 37.67 17.24
C GLY E 142 -4.14 37.49 15.83
N LEU E 143 -3.60 38.26 14.88
CA LEU E 143 -4.05 38.18 13.50
C LEU E 143 -3.51 36.94 12.80
N SER E 144 -2.26 36.55 13.10
CA SER E 144 -1.66 35.41 12.42
C SER E 144 -2.29 34.10 12.85
N SER E 145 -2.59 33.95 14.14
CA SER E 145 -3.18 32.72 14.63
C SER E 145 -4.65 32.60 14.22
N THR E 146 -5.33 33.74 14.04
CA THR E 146 -6.71 33.69 13.56
C THR E 146 -6.77 33.27 12.09
N LEU E 147 -5.84 33.79 11.27
CA LEU E 147 -5.78 33.39 9.86
C LEU E 147 -5.38 31.94 9.71
N GLN E 148 -4.51 31.44 10.58
CA GLN E 148 -4.12 30.03 10.51
C GLN E 148 -5.27 29.12 10.93
N LEU E 149 -6.07 29.53 11.91
CA LEU E 149 -7.23 28.73 12.29
C LEU E 149 -8.31 28.74 11.21
N LEU E 150 -8.41 29.81 10.44
CA LEU E 150 -9.32 29.82 9.30
C LEU E 150 -8.87 28.85 8.22
N ALA E 151 -7.56 28.79 7.95
CA ALA E 151 -7.04 27.86 6.95
C ALA E 151 -7.20 26.41 7.39
N MET E 152 -7.11 26.15 8.69
CA MET E 152 -7.35 24.79 9.18
C MET E 152 -8.82 24.43 9.15
N ALA E 153 -9.70 25.43 9.27
CA ALA E 153 -11.12 25.18 9.13
C ALA E 153 -11.51 25.00 7.66
N LEU E 154 -10.87 25.75 6.76
CA LEU E 154 -11.11 25.58 5.33
C LEU E 154 -10.62 24.22 4.84
N GLU E 155 -9.47 23.78 5.33
CA GLU E 155 -8.91 22.50 4.90
C GLU E 155 -9.80 21.33 5.31
N CYS E 156 -10.33 21.38 6.53
CA CYS E 156 -11.19 20.30 7.00
C CYS E 156 -12.56 20.34 6.32
N TRP E 157 -13.03 21.53 5.97
CA TRP E 157 -14.32 21.64 5.28
C TRP E 157 -14.22 21.17 3.82
N LEU E 158 -13.10 21.47 3.17
CA LEU E 158 -12.95 21.08 1.77
C LEU E 158 -12.69 19.59 1.61
N SER E 159 -11.93 18.99 2.53
CA SER E 159 -11.58 17.59 2.39
C SER E 159 -12.76 16.67 2.65
N LEU E 160 -13.69 17.09 3.51
CA LEU E 160 -14.87 16.29 3.82
C LEU E 160 -16.10 16.72 3.05
N GLY E 161 -16.20 17.99 2.67
CA GLY E 161 -17.37 18.49 1.99
C GLY E 161 -17.27 18.41 0.48
N HIS E 162 -16.08 18.62 -0.05
CA HIS E 162 -15.81 18.52 -1.49
C HIS E 162 -14.59 17.65 -1.70
N PRO E 163 -14.69 16.34 -1.45
CA PRO E 163 -13.50 15.48 -1.52
C PRO E 163 -12.88 15.38 -2.92
N PHE E 164 -13.67 15.49 -3.98
CA PHE E 164 -13.10 15.42 -5.32
C PHE E 164 -12.39 16.72 -5.68
N PHE E 165 -12.93 17.87 -5.25
CA PHE E 165 -12.25 19.13 -5.45
C PHE E 165 -10.96 19.19 -4.63
N TYR E 166 -10.97 18.63 -3.43
CA TYR E 166 -9.79 18.63 -2.58
C TYR E 166 -8.65 17.84 -3.22
N ARG E 167 -8.97 16.70 -3.81
CA ARG E 167 -7.93 15.83 -4.36
C ARG E 167 -7.26 16.44 -5.59
N ARG E 168 -8.02 17.18 -6.41
CA ARG E 168 -7.44 17.78 -7.60
C ARG E 168 -6.49 18.92 -7.26
N HIS E 169 -6.86 19.79 -6.32
CA HIS E 169 -6.23 21.10 -6.20
C HIS E 169 -5.46 21.34 -4.91
N ILE E 170 -5.72 20.59 -3.84
CA ILE E 170 -5.06 20.82 -2.57
C ILE E 170 -3.91 19.81 -2.45
N THR E 171 -2.68 20.34 -2.40
CA THR E 171 -1.47 19.53 -2.37
C THR E 171 -0.67 19.83 -1.11
N LEU E 172 0.38 19.03 -0.92
CA LEU E 172 1.25 19.23 0.25
C LEU E 172 2.06 20.52 0.13
N ARG E 173 2.36 20.95 -1.10
CA ARG E 173 3.07 22.22 -1.29
C ARG E 173 2.22 23.40 -0.84
N LEU E 174 0.92 23.36 -1.13
CA LEU E 174 0.02 24.42 -0.72
C LEU E 174 -0.09 24.50 0.80
N GLY E 175 -0.11 23.34 1.47
CA GLY E 175 -0.24 23.34 2.92
C GLY E 175 1.00 23.83 3.63
N ALA E 176 2.16 23.73 2.98
CA ALA E 176 3.39 24.26 3.56
C ALA E 176 3.54 25.75 3.32
N LEU E 177 2.76 26.32 2.40
CA LEU E 177 2.83 27.75 2.10
C LEU E 177 1.78 28.57 2.82
N VAL E 178 1.00 27.94 3.72
CA VAL E 178 -0.05 28.68 4.42
C VAL E 178 0.55 29.57 5.49
N ALA E 179 1.32 28.99 6.41
CA ALA E 179 1.94 29.77 7.47
C ALA E 179 2.91 30.85 6.99
N PRO E 180 3.78 30.62 5.99
CA PRO E 180 4.59 31.74 5.49
C PRO E 180 3.79 32.88 4.85
N VAL E 181 2.80 32.56 4.02
CA VAL E 181 2.05 33.61 3.32
C VAL E 181 1.15 34.37 4.30
N VAL E 182 0.55 33.66 5.26
CA VAL E 182 -0.27 34.30 6.28
C VAL E 182 0.59 35.24 7.13
N SER E 183 1.78 34.79 7.53
CA SER E 183 2.65 35.61 8.36
C SER E 183 3.14 36.84 7.61
N ALA E 184 3.42 36.70 6.31
CA ALA E 184 3.85 37.84 5.52
C ALA E 184 2.75 38.90 5.41
N PHE E 185 1.51 38.46 5.23
CA PHE E 185 0.39 39.39 5.19
C PHE E 185 0.15 40.02 6.56
N SER E 186 0.24 39.22 7.62
CA SER E 186 -0.02 39.74 8.97
C SER E 186 1.06 40.74 9.39
N LEU E 187 2.30 40.52 8.97
CA LEU E 187 3.36 41.48 9.30
C LEU E 187 3.18 42.80 8.55
N ALA E 188 2.70 42.74 7.31
CA ALA E 188 2.50 43.97 6.55
C ALA E 188 1.25 44.71 7.01
N PHE E 189 0.20 43.97 7.36
CA PHE E 189 -1.04 44.62 7.80
C PHE E 189 -0.88 45.26 9.17
N CYS E 190 -0.20 44.58 10.10
CA CYS E 190 -0.04 45.10 11.44
C CYS E 190 0.99 46.22 11.53
N ALA E 191 1.70 46.50 10.44
CA ALA E 191 2.65 47.60 10.38
C ALA E 191 2.06 48.88 9.81
N LEU E 192 0.76 48.90 9.53
CA LEU E 192 0.11 50.11 9.05
C LEU E 192 0.23 51.29 10.02
N PRO E 193 0.09 51.14 11.35
CA PRO E 193 0.36 52.29 12.23
C PRO E 193 1.78 52.85 12.13
N PHE E 194 2.76 52.02 11.79
CA PHE E 194 4.11 52.52 11.54
C PHE E 194 4.18 53.41 10.30
N MET E 195 3.22 53.27 9.39
CA MET E 195 3.18 54.08 8.18
C MET E 195 2.28 55.29 8.32
N GLY E 196 1.68 55.51 9.48
CA GLY E 196 0.85 56.66 9.72
C GLY E 196 -0.66 56.43 9.71
N PHE E 197 -1.11 55.18 9.81
CA PHE E 197 -2.53 54.87 9.77
C PHE E 197 -3.09 54.44 11.12
N GLY E 198 -2.28 54.40 12.18
CA GLY E 198 -2.84 54.00 13.45
C GLY E 198 -1.94 54.41 14.59
N LYS E 199 -2.35 54.03 15.80
CA LYS E 199 -1.61 54.34 17.01
C LYS E 199 -1.46 53.10 17.87
N PHE E 200 -0.38 53.09 18.65
CA PHE E 200 -0.14 52.11 19.70
C PHE E 200 0.00 52.85 21.02
N VAL E 201 -0.60 52.32 22.08
CA VAL E 201 -0.62 52.99 23.37
C VAL E 201 -0.44 51.96 24.49
N GLN E 202 0.00 52.45 25.64
CA GLN E 202 0.21 51.62 26.83
C GLN E 202 -1.03 51.62 27.70
N TYR E 203 -1.42 50.44 28.16
CA TYR E 203 -2.61 50.24 28.97
C TYR E 203 -2.24 50.02 30.43
N CYS E 204 -3.14 50.41 31.32
CA CYS E 204 -2.93 50.18 32.75
C CYS E 204 -2.98 48.68 33.06
N PRO E 205 -2.15 48.20 34.00
CA PRO E 205 -1.30 48.92 34.95
C PRO E 205 0.06 49.34 34.41
N GLY E 206 0.25 49.38 33.10
CA GLY E 206 1.52 49.76 32.52
C GLY E 206 2.38 48.62 32.06
N THR E 207 1.89 47.38 32.12
CA THR E 207 2.67 46.20 31.81
C THR E 207 2.37 45.62 30.44
N TRP E 208 1.59 46.32 29.61
CA TRP E 208 1.31 45.83 28.26
C TRP E 208 0.91 47.00 27.38
N CYS E 209 1.05 46.81 26.07
CA CYS E 209 0.70 47.80 25.07
C CYS E 209 -0.10 47.13 23.95
N PHE E 210 -0.99 47.91 23.33
CA PHE E 210 -1.85 47.38 22.28
C PHE E 210 -2.32 48.53 21.40
N ILE E 211 -3.18 48.21 20.43
CA ILE E 211 -3.77 49.20 19.54
C ILE E 211 -4.61 50.20 20.33
N GLN E 212 -4.48 51.48 20.00
CA GLN E 212 -5.33 52.48 20.60
C GLN E 212 -6.72 52.40 19.99
N MET E 213 -7.73 52.26 20.84
CA MET E 213 -9.10 52.05 20.39
C MET E 213 -10.02 53.22 20.70
N VAL E 214 -9.59 54.20 21.51
CA VAL E 214 -10.39 55.36 21.87
C VAL E 214 -9.60 56.60 21.49
N HIS E 215 -10.27 57.55 20.82
CA HIS E 215 -9.68 58.84 20.51
C HIS E 215 -10.66 59.93 20.94
N GLU E 216 -10.16 60.90 21.70
CA GLU E 216 -11.02 61.94 22.24
C GLU E 216 -11.60 62.84 21.14
N GLU E 217 -10.78 63.22 20.17
CA GLU E 217 -11.24 64.07 19.08
C GLU E 217 -11.94 63.30 17.97
N GLY E 218 -12.00 61.98 18.05
CA GLY E 218 -12.62 61.17 17.02
C GLY E 218 -11.90 61.21 15.69
N SER E 219 -10.57 61.17 15.71
CA SER E 219 -9.81 61.21 14.47
C SER E 219 -10.03 59.93 13.66
N LEU E 220 -10.21 60.11 12.35
CA LEU E 220 -10.40 58.96 11.47
C LEU E 220 -9.10 58.21 11.22
N SER E 221 -7.95 58.84 11.45
CA SER E 221 -6.69 58.14 11.29
C SER E 221 -6.50 57.09 12.39
N VAL E 222 -6.72 57.48 13.65
CA VAL E 222 -6.57 56.53 14.75
C VAL E 222 -7.70 55.51 14.75
N LEU E 223 -8.94 55.98 14.61
CA LEU E 223 -10.09 55.10 14.70
C LEU E 223 -10.33 54.30 13.42
N GLY E 224 -9.77 54.73 12.29
CA GLY E 224 -9.96 53.99 11.06
C GLY E 224 -9.26 52.65 11.05
N TYR E 225 -8.04 52.59 11.59
CA TYR E 225 -7.32 51.33 11.64
C TYR E 225 -7.85 50.41 12.72
N SER E 226 -8.29 50.97 13.85
CA SER E 226 -8.85 50.14 14.92
C SER E 226 -10.11 49.42 14.46
N VAL E 227 -10.97 50.11 13.72
CA VAL E 227 -12.17 49.49 13.18
C VAL E 227 -11.80 48.50 12.07
N LEU E 228 -10.85 48.86 11.21
CA LEU E 228 -10.44 47.98 10.12
C LEU E 228 -9.80 46.69 10.64
N TYR E 229 -9.00 46.79 11.71
CA TYR E 229 -8.38 45.60 12.27
C TYR E 229 -9.42 44.65 12.85
N SER E 230 -10.36 45.18 13.64
CA SER E 230 -11.35 44.32 14.29
C SER E 230 -12.44 43.87 13.34
N SER E 231 -12.75 44.66 12.30
CA SER E 231 -13.69 44.19 11.27
C SER E 231 -13.10 43.03 10.49
N LEU E 232 -11.81 43.10 10.16
CA LEU E 232 -11.14 41.97 9.53
C LEU E 232 -11.14 40.75 10.45
N MET E 233 -10.84 40.96 11.73
CA MET E 233 -10.87 39.86 12.68
C MET E 233 -12.27 39.31 12.87
N ALA E 234 -13.30 40.15 12.74
CA ALA E 234 -14.67 39.68 12.83
C ALA E 234 -15.04 38.77 11.66
N LEU E 235 -14.62 39.14 10.44
CA LEU E 235 -14.90 38.32 9.28
C LEU E 235 -14.13 37.01 9.31
N LEU E 236 -12.92 37.00 9.85
CA LEU E 236 -12.15 35.76 9.98
C LEU E 236 -12.79 34.83 11.00
N VAL E 237 -13.28 35.38 12.11
CA VAL E 237 -13.95 34.55 13.11
C VAL E 237 -15.25 34.00 12.56
N LEU E 238 -16.01 34.82 11.83
CA LEU E 238 -17.25 34.35 11.22
C LEU E 238 -16.99 33.27 10.18
N ALA E 239 -15.96 33.43 9.36
CA ALA E 239 -15.64 32.42 8.36
C ALA E 239 -15.12 31.14 9.00
N THR E 240 -14.35 31.26 10.08
CA THR E 240 -13.88 30.07 10.78
C THR E 240 -15.03 29.29 11.41
N VAL E 241 -16.00 29.99 12.00
CA VAL E 241 -17.14 29.32 12.61
C VAL E 241 -18.00 28.64 11.55
N LEU E 242 -18.23 29.31 10.42
CA LEU E 242 -19.03 28.72 9.35
C LEU E 242 -18.34 27.51 8.72
N CYS E 243 -17.02 27.58 8.55
CA CYS E 243 -16.29 26.44 7.99
C CYS E 243 -16.27 25.27 8.95
N ASN E 244 -16.17 25.53 10.26
CA ASN E 244 -16.25 24.46 11.24
C ASN E 244 -17.64 23.87 11.32
N LEU E 245 -18.68 24.70 11.14
CA LEU E 245 -20.04 24.17 11.11
C LEU E 245 -20.29 23.35 9.85
N GLY E 246 -19.69 23.74 8.73
CA GLY E 246 -19.81 22.95 7.52
C GLY E 246 -19.10 21.60 7.62
N ALA E 247 -17.92 21.59 8.24
CA ALA E 247 -17.20 20.34 8.45
C ALA E 247 -17.93 19.44 9.43
N MET E 248 -18.50 20.02 10.49
CA MET E 248 -19.24 19.21 11.47
C MET E 248 -20.52 18.65 10.88
N ARG E 249 -21.10 19.32 9.89
CA ARG E 249 -22.29 18.78 9.23
C ARG E 249 -21.95 17.55 8.42
N ASN E 250 -20.80 17.53 7.75
CA ASN E 250 -20.40 16.35 6.98
C ASN E 250 -19.99 15.20 7.90
N LEU E 251 -19.37 15.50 9.05
CA LEU E 251 -18.98 14.45 9.97
C LEU E 251 -20.19 13.73 10.54
N TYR E 252 -21.27 14.46 10.78
CA TYR E 252 -22.50 13.83 11.26
C TYR E 252 -23.15 13.00 10.17
N ALA E 253 -23.04 13.42 8.92
CA ALA E 253 -23.58 12.62 7.82
C ALA E 253 -22.76 11.37 7.58
N MET E 254 -21.44 11.45 7.77
CA MET E 254 -20.60 10.26 7.64
C MET E 254 -20.90 9.25 8.73
N HIS E 255 -21.10 9.72 9.96
CA HIS E 255 -21.48 8.82 11.05
C HIS E 255 -22.84 8.19 10.81
N ARG E 256 -23.75 8.95 10.20
CA ARG E 256 -25.10 8.45 9.95
C ARG E 256 -25.09 7.31 8.93
N ARG E 257 -24.25 7.39 7.91
CA ARG E 257 -24.17 6.32 6.92
C ARG E 257 -23.55 5.06 7.53
N LEU E 258 -22.53 5.23 8.37
CA LEU E 258 -21.89 4.08 9.01
C LEU E 258 -22.82 3.40 10.00
N GLN E 259 -23.74 4.16 10.60
CA GLN E 259 -24.74 3.56 11.49
C GLN E 259 -25.66 2.60 10.72
N ARG E 260 -25.90 2.88 9.45
CA ARG E 260 -26.62 1.94 8.60
C ARG E 260 -25.79 0.72 8.28
N HIS E 261 -24.46 0.83 8.34
CA HIS E 261 -23.52 -0.27 8.05
C HIS E 261 -23.73 -0.85 6.65
N PRO E 281 -4.78 2.87 20.75
CA PRO E 281 -5.15 1.65 20.02
C PRO E 281 -6.30 1.88 19.03
N GLN E 282 -7.48 2.20 19.56
CA GLN E 282 -8.63 2.43 18.71
C GLN E 282 -8.48 3.75 17.95
N PRO E 283 -8.72 3.78 16.65
CA PRO E 283 -8.67 5.03 15.91
C PRO E 283 -9.82 5.96 16.29
N LEU E 284 -9.64 7.24 15.98
CA LEU E 284 -10.66 8.24 16.28
C LEU E 284 -11.85 8.08 15.33
N GLU E 285 -13.05 8.11 15.90
CA GLU E 285 -14.28 7.97 15.14
C GLU E 285 -14.71 9.33 14.59
N GLU E 286 -15.88 9.38 13.96
CA GLU E 286 -16.39 10.64 13.46
C GLU E 286 -16.87 11.53 14.60
N LEU E 287 -17.52 10.95 15.60
CA LEU E 287 -18.17 11.76 16.62
C LEU E 287 -17.18 12.41 17.57
N ASP E 288 -16.06 11.76 17.87
CA ASP E 288 -15.07 12.42 18.71
C ASP E 288 -14.30 13.48 17.93
N HIS E 289 -14.20 13.34 16.60
CA HIS E 289 -13.73 14.44 15.79
C HIS E 289 -14.72 15.60 15.79
N LEU E 290 -16.02 15.29 15.75
CA LEU E 290 -17.04 16.32 15.88
C LEU E 290 -17.02 16.93 17.27
N LEU E 291 -16.72 16.13 18.29
CA LEU E 291 -16.63 16.64 19.66
C LEU E 291 -15.47 17.63 19.81
N LEU E 292 -14.34 17.35 19.15
CA LEU E 292 -13.19 18.25 19.23
C LEU E 292 -13.40 19.51 18.40
N LEU E 293 -14.16 19.42 17.31
CA LEU E 293 -14.46 20.62 16.53
C LEU E 293 -15.45 21.52 17.26
N ALA E 294 -16.42 20.93 17.96
CA ALA E 294 -17.39 21.71 18.71
C ALA E 294 -16.72 22.43 19.88
N LEU E 295 -15.80 21.76 20.57
CA LEU E 295 -15.10 22.37 21.69
C LEU E 295 -14.20 23.51 21.23
N MET E 296 -13.52 23.33 20.10
CA MET E 296 -12.66 24.39 19.58
C MET E 296 -13.46 25.60 19.11
N THR E 297 -14.61 25.35 18.48
CA THR E 297 -15.44 26.45 17.97
C THR E 297 -15.97 27.31 19.12
N VAL E 298 -16.39 26.69 20.21
CA VAL E 298 -16.93 27.43 21.35
C VAL E 298 -15.86 28.27 22.01
N LEU E 299 -14.66 27.71 22.20
CA LEU E 299 -13.60 28.44 22.88
C LEU E 299 -13.00 29.52 22.00
N PHE E 300 -12.88 29.25 20.70
CA PHE E 300 -12.32 30.25 19.78
C PHE E 300 -13.23 31.46 19.66
N THR E 301 -14.54 31.24 19.62
CA THR E 301 -15.48 32.36 19.56
C THR E 301 -15.52 33.12 20.89
N MET E 302 -15.55 32.39 22.01
CA MET E 302 -15.67 33.03 23.32
C MET E 302 -14.47 33.89 23.64
N CYS E 303 -13.27 33.46 23.25
CA CYS E 303 -12.05 34.17 23.58
C CYS E 303 -11.67 35.24 22.57
N SER E 304 -12.40 35.35 21.45
CA SER E 304 -12.08 36.33 20.42
C SER E 304 -13.01 37.53 20.41
N LEU E 305 -14.22 37.38 20.91
CA LEU E 305 -15.22 38.46 20.89
C LEU E 305 -14.96 39.61 21.87
N PRO E 306 -14.38 39.39 23.06
CA PRO E 306 -14.03 40.56 23.90
C PRO E 306 -13.11 41.56 23.23
N VAL E 307 -12.16 41.12 22.41
CA VAL E 307 -11.28 42.07 21.74
C VAL E 307 -12.04 42.84 20.67
N ILE E 308 -12.90 42.16 19.92
CA ILE E 308 -13.67 42.81 18.87
C ILE E 308 -14.65 43.81 19.45
N TYR E 309 -15.27 43.46 20.58
CA TYR E 309 -16.26 44.35 21.18
C TYR E 309 -15.61 45.62 21.72
N ARG E 310 -14.40 45.53 22.26
CA ARG E 310 -13.73 46.72 22.79
C ARG E 310 -13.39 47.72 21.70
N ALA E 311 -13.07 47.23 20.50
CA ALA E 311 -12.73 48.13 19.40
C ALA E 311 -13.95 48.89 18.89
N TYR E 312 -15.10 48.21 18.81
CA TYR E 312 -16.33 48.86 18.40
C TYR E 312 -16.92 49.73 19.52
N TYR E 313 -16.76 49.31 20.77
CA TYR E 313 -17.22 50.13 21.88
C TYR E 313 -16.38 51.39 22.04
N GLY E 314 -15.11 51.35 21.65
CA GLY E 314 -14.25 52.50 21.74
C GLY E 314 -14.33 53.45 20.57
N ALA E 315 -15.01 53.07 19.48
CA ALA E 315 -15.08 53.90 18.29
C ALA E 315 -16.46 54.48 18.04
N PHE E 316 -17.51 53.96 18.67
CA PHE E 316 -18.87 54.38 18.36
C PHE E 316 -19.66 54.83 19.56
N LYS E 317 -19.08 54.81 20.76
CA LYS E 317 -19.71 55.38 21.94
C LYS E 317 -18.91 56.60 22.38
N ASP E 318 -19.62 57.66 22.75
CA ASP E 318 -18.96 58.90 23.18
C ASP E 318 -18.18 58.68 24.46
N VAL E 319 -17.03 59.35 24.54
CA VAL E 319 -16.09 59.12 25.65
C VAL E 319 -16.67 59.63 26.97
N LYS E 320 -17.50 60.67 26.93
CA LYS E 320 -17.98 61.32 28.14
C LYS E 320 -18.92 60.45 28.97
N GLU E 321 -19.43 59.35 28.40
CA GLU E 321 -20.34 58.48 29.14
C GLU E 321 -19.76 57.08 29.26
N LYS E 322 -18.48 56.98 29.61
CA LYS E 322 -17.78 55.70 29.59
C LYS E 322 -17.16 55.28 30.90
N ASN E 323 -16.91 56.22 31.83
CA ASN E 323 -16.12 56.01 33.05
C ASN E 323 -14.68 55.64 32.70
N ARG E 324 -13.82 55.49 33.68
CA ARG E 324 -12.43 55.15 33.36
C ARG E 324 -11.92 53.95 34.15
N THR E 325 -12.33 53.80 35.41
CA THR E 325 -11.86 52.68 36.22
C THR E 325 -12.35 51.35 35.66
N SER E 326 -13.62 51.29 35.26
CA SER E 326 -14.16 50.05 34.72
C SER E 326 -13.58 49.73 33.36
N GLU E 327 -13.30 50.75 32.55
CA GLU E 327 -12.75 50.52 31.22
C GLU E 327 -11.35 49.94 31.27
N GLU E 328 -10.55 50.32 32.28
CA GLU E 328 -9.21 49.77 32.42
C GLU E 328 -9.26 48.27 32.70
N ALA E 329 -10.16 47.85 33.59
CA ALA E 329 -10.24 46.43 33.93
C ALA E 329 -10.85 45.61 32.81
N GLU E 330 -11.74 46.20 32.01
CA GLU E 330 -12.38 45.48 30.93
C GLU E 330 -11.47 45.32 29.72
N ASP E 331 -10.62 46.31 29.44
CA ASP E 331 -9.63 46.15 28.37
C ASP E 331 -8.61 45.08 28.71
N LEU E 332 -8.29 44.91 30.00
CA LEU E 332 -7.31 43.91 30.41
C LEU E 332 -7.87 42.50 30.24
N ARG E 333 -9.13 42.28 30.60
CA ARG E 333 -9.73 40.96 30.49
C ARG E 333 -9.87 40.52 29.03
N ALA E 334 -10.00 41.47 28.11
CA ALA E 334 -10.17 41.13 26.70
C ALA E 334 -8.91 40.49 26.13
N LEU E 335 -7.74 40.99 26.53
CA LEU E 335 -6.48 40.40 26.07
C LEU E 335 -6.05 39.21 26.91
N ARG E 336 -6.54 39.10 28.15
CA ARG E 336 -6.34 37.88 28.91
C ARG E 336 -7.19 36.73 28.38
N PHE E 337 -8.40 37.03 27.89
CA PHE E 337 -9.20 36.00 27.24
C PHE E 337 -8.58 35.56 25.92
N LEU E 338 -8.03 36.51 25.16
CA LEU E 338 -7.43 36.19 23.87
C LEU E 338 -6.22 35.28 24.02
N SER E 339 -5.57 35.32 25.18
CA SER E 339 -4.40 34.50 25.43
C SER E 339 -4.73 33.04 25.69
N VAL E 340 -6.00 32.72 25.97
CA VAL E 340 -6.37 31.35 26.30
C VAL E 340 -6.41 30.46 25.06
N ILE E 341 -6.50 31.05 23.87
CA ILE E 341 -6.57 30.24 22.64
C ILE E 341 -5.26 29.49 22.43
N SER E 342 -4.12 30.12 22.74
CA SER E 342 -2.84 29.44 22.60
C SER E 342 -2.64 28.35 23.65
N ILE E 343 -3.27 28.50 24.83
CA ILE E 343 -3.14 27.49 25.87
C ILE E 343 -3.90 26.22 25.49
N VAL E 344 -5.11 26.36 24.94
CA VAL E 344 -5.95 25.21 24.65
C VAL E 344 -5.74 24.65 23.24
N ASP E 345 -5.01 25.35 22.38
CA ASP E 345 -4.74 24.84 21.04
C ASP E 345 -3.97 23.52 21.02
N PRO E 346 -2.87 23.34 21.78
CA PRO E 346 -2.17 22.05 21.71
C PRO E 346 -2.99 20.88 22.17
N TRP E 347 -3.88 21.06 23.15
CA TRP E 347 -4.66 19.94 23.66
C TRP E 347 -5.70 19.48 22.65
N ILE E 348 -6.38 20.42 21.99
CA ILE E 348 -7.44 20.07 21.05
C ILE E 348 -6.85 19.41 19.80
N PHE E 349 -5.74 19.94 19.30
CA PHE E 349 -5.23 19.51 18.00
C PHE E 349 -4.14 18.44 18.06
N ILE E 350 -3.47 18.28 19.20
CA ILE E 350 -2.34 17.36 19.24
C ILE E 350 -2.47 16.34 20.37
N ILE E 351 -2.55 16.81 21.61
CA ILE E 351 -2.39 15.93 22.76
C ILE E 351 -3.58 14.99 22.91
N PHE E 352 -4.80 15.48 22.71
CA PHE E 352 -5.96 14.62 22.81
C PHE E 352 -6.05 13.61 21.68
N ARG E 353 -5.32 13.82 20.58
CA ARG E 353 -5.24 12.83 19.52
C ARG E 353 -4.16 11.79 19.76
N SER E 354 -3.31 11.98 20.76
CA SER E 354 -2.20 11.05 20.97
C SER E 354 -2.70 9.76 21.59
N PRO E 355 -2.23 8.60 21.11
CA PRO E 355 -2.56 7.34 21.79
C PRO E 355 -2.02 7.26 23.20
N VAL E 356 -0.93 7.99 23.48
CA VAL E 356 -0.34 7.97 24.82
C VAL E 356 -1.31 8.56 25.84
N PHE E 357 -1.95 9.67 25.50
CA PHE E 357 -2.92 10.28 26.42
C PHE E 357 -4.17 9.42 26.54
N ARG E 358 -4.61 8.79 25.45
CA ARG E 358 -5.85 8.03 25.46
C ARG E 358 -5.75 6.77 26.31
N ILE E 359 -4.54 6.35 26.67
CA ILE E 359 -4.40 5.23 27.59
C ILE E 359 -4.85 5.63 28.99
N PHE E 360 -4.46 6.82 29.45
CA PHE E 360 -4.76 7.24 30.82
C PHE E 360 -6.23 7.57 31.00
N PHE E 361 -6.82 8.31 30.06
CA PHE E 361 -8.22 8.76 30.16
C PHE E 361 -8.93 8.40 28.86
N HIS E 362 -9.46 7.19 28.79
CA HIS E 362 -10.21 6.75 27.62
C HIS E 362 -11.53 7.49 27.52
N LYS E 363 -11.90 7.87 26.30
CA LYS E 363 -13.13 8.60 26.07
C LYS E 363 -13.66 8.38 24.66
#